data_9CTU
#
_entry.id   9CTU
#
_cell.length_a   1.00
_cell.length_b   1.00
_cell.length_c   1.00
_cell.angle_alpha   90.00
_cell.angle_beta   90.00
_cell.angle_gamma   90.00
#
_symmetry.space_group_name_H-M   'P 1'
#
loop_
_entity.id
_entity.type
_entity.pdbx_description
1 polymer 'short conformation Fab light chain'
2 polymer 'short conformation Fab heavy chain'
3 polymer 'Membrane protein'
4 non-polymer '(2S,3R,4E)-2-(hexadecanoylamino)-3-hydroxyoctadec-4-en-1-yl dihydrogen phosphate'
5 non-polymer 'POTASSIUM ION'
#
loop_
_entity_poly.entity_id
_entity_poly.type
_entity_poly.pdbx_seq_one_letter_code
_entity_poly.pdbx_strand_id
1 'polypeptide(L)'
;MVLQTQVFISLLLWISGAYGDIVMTQSPASLAVSLGQRATISCKASQSIDYDGDNYMNWYQQKPGQPPKLLIYTTSNLES
GIPARFSGSGSGTDFTLNIHPVEEGDAATYYCQQNNEDPYTFGGGTKLEIKRADAAPTVSIFPPSSEQLTSGGASVVCFL
NNFYPKDINVKWKIDGSERQNGVLNSWTDQDSKDSTYSMSSTLTLTKDEYERHNSYTCEATHKTSTSPIVKSFNRNEC
;
C,E
2 'polypeptide(L)'
;MKHLWFFLLLVAAPRWVLSEVQLQQSGPELVKPGASMKISCKTSGYSFTGYTMNWVKQSHGKNLEWIGLINPYNGDTSYN
QKFKGKATLTVDKSSSTAYMELLSLTSEDSAVYYCEVINTYWGQGTLVTVSAAKTTPPSVYPLAPGSAAQTNSMVTLGCL
VKGYFPEPVTVTWNSGSLSSGVHTFPAVLQSDLYTLSSSVTVPSSTWPSETVTCNVAHPASSTKVDKKIVPRDCGCKPCI
CTVPEVSSHHHHHHH
;
D,F
3 'polypeptide(L)'
;MADSNGTITVEELKKLLEQWNLVIGFLFLTWICLLQFAYANRNRFLYIIKLIFLWLLWPVTLACFVLAAVYRINWITGGI
AIAMACLVGLMWLSYFIASFRLFARTRSMWSFNPETNILLNVPLHGTILTRPLLESELVIGAVILRGHLRIAGHHLGRCD
IKDLPKEITVATSRTLSYYKLGASQRVAGDSGFAAYSRYRIGNYKLNTDHSSSSDNIALLVQSNSLEVLFQ
;
A,B
#
loop_
_chem_comp.id
_chem_comp.type
_chem_comp.name
_chem_comp.formula
1PX non-polymer '(2S,3R,4E)-2-(hexadecanoylamino)-3-hydroxyoctadec-4-en-1-yl dihydrogen phosphate' 'C34 H68 N O6 P'
K non-polymer 'POTASSIUM ION' 'K 1'
#
# COMPACT_ATOMS: atom_id res chain seq x y z
N ASP A 21 29.65 6.26 22.98
CA ASP A 21 28.31 6.77 22.71
C ASP A 21 27.26 5.71 23.00
N ILE A 22 26.70 5.13 21.94
CA ILE A 22 25.70 4.08 22.06
C ILE A 22 26.21 2.85 21.32
N VAL A 23 26.27 1.72 22.01
CA VAL A 23 26.69 0.47 21.41
C VAL A 23 25.51 -0.49 21.39
N MET A 24 25.47 -1.32 20.35
CA MET A 24 24.37 -2.25 20.13
C MET A 24 24.88 -3.67 20.32
N THR A 25 24.26 -4.42 21.23
CA THR A 25 24.63 -5.81 21.48
C THR A 25 23.63 -6.70 20.75
N GLN A 26 23.88 -6.88 19.45
CA GLN A 26 22.99 -7.66 18.60
C GLN A 26 23.21 -9.15 18.85
N SER A 27 22.16 -9.84 19.30
CA SER A 27 22.23 -11.25 19.63
C SER A 27 21.17 -12.03 18.86
N PRO A 28 21.46 -13.28 18.47
CA PRO A 28 22.71 -14.03 18.65
C PRO A 28 23.78 -13.64 17.65
N ALA A 29 25.01 -14.14 17.81
CA ALA A 29 26.07 -13.88 16.84
C ALA A 29 25.72 -14.48 15.48
N SER A 30 25.18 -15.70 15.47
CA SER A 30 24.71 -16.35 14.26
C SER A 30 23.38 -17.01 14.54
N LEU A 31 22.51 -17.02 13.54
CA LEU A 31 21.17 -17.58 13.67
C LEU A 31 20.95 -18.63 12.60
N ALA A 32 20.33 -19.74 12.99
CA ALA A 32 20.06 -20.86 12.09
C ALA A 32 18.61 -21.28 12.27
N VAL A 33 17.78 -21.00 11.26
CA VAL A 33 16.36 -21.36 11.29
C VAL A 33 16.04 -22.14 10.03
N SER A 34 14.93 -22.87 10.08
CA SER A 34 14.45 -23.64 8.95
C SER A 34 13.54 -22.79 8.06
N LEU A 35 13.24 -23.32 6.88
CA LEU A 35 12.37 -22.62 5.94
C LEU A 35 10.95 -22.55 6.49
N GLY A 36 10.35 -21.38 6.39
CA GLY A 36 8.99 -21.18 6.86
C GLY A 36 8.84 -20.95 8.35
N GLN A 37 9.94 -20.96 9.11
CA GLN A 37 9.88 -20.74 10.55
C GLN A 37 9.97 -19.25 10.84
N ARG A 38 10.11 -18.90 12.11
CA ARG A 38 10.26 -17.51 12.55
C ARG A 38 11.67 -17.31 13.07
N ALA A 39 12.37 -16.32 12.51
CA ALA A 39 13.73 -16.00 12.91
C ALA A 39 13.70 -14.76 13.79
N THR A 40 14.16 -14.89 15.03
CA THR A 40 14.16 -13.80 15.99
C THR A 40 15.59 -13.27 16.15
N ILE A 41 15.77 -11.99 15.83
CA ILE A 41 17.06 -11.32 15.95
C ILE A 41 16.92 -10.18 16.94
N SER A 42 17.68 -10.25 18.02
CA SER A 42 17.62 -9.24 19.08
C SER A 42 18.79 -8.28 18.95
N CYS A 43 18.58 -7.05 19.43
CA CYS A 43 19.62 -6.02 19.37
C CYS A 43 19.34 -5.02 20.49
N LYS A 44 20.11 -5.11 21.57
CA LYS A 44 19.88 -4.32 22.78
C LYS A 44 20.82 -3.14 22.80
N ALA A 45 20.26 -1.93 22.80
CA ALA A 45 21.07 -0.73 22.92
C ALA A 45 21.59 -0.57 24.35
N SER A 46 22.77 0.03 24.47
CA SER A 46 23.34 0.26 25.79
C SER A 46 22.51 1.23 26.61
N GLN A 47 22.05 2.31 25.98
CA GLN A 47 21.19 3.29 26.62
C GLN A 47 19.94 3.48 25.75
N SER A 48 18.93 4.12 26.34
CA SER A 48 17.69 4.34 25.62
C SER A 48 17.89 5.32 24.48
N ILE A 49 17.53 4.89 23.26
CA ILE A 49 17.60 5.75 22.08
C ILE A 49 16.26 6.44 21.83
N ASP A 50 15.37 6.46 22.82
CA ASP A 50 14.05 7.06 22.65
C ASP A 50 14.16 8.56 22.52
N TYR A 51 13.54 9.11 21.47
CA TYR A 51 13.47 10.55 21.26
C TYR A 51 12.02 10.91 20.95
N ASP A 52 11.47 11.84 21.75
CA ASP A 52 10.09 12.30 21.60
C ASP A 52 9.10 11.14 21.66
N GLY A 53 9.36 10.18 22.53
CA GLY A 53 8.47 9.05 22.69
C GLY A 53 8.56 8.03 21.56
N ASP A 54 9.63 8.05 20.78
CA ASP A 54 9.79 7.13 19.66
C ASP A 54 11.25 6.71 19.53
N ASN A 55 11.46 5.45 19.21
CA ASN A 55 12.80 4.90 19.00
C ASN A 55 13.08 4.80 17.51
N TYR A 56 14.29 5.19 17.13
CA TYR A 56 14.68 5.26 15.71
C TYR A 56 15.73 4.19 15.47
N MET A 57 15.26 2.99 15.16
CA MET A 57 16.11 1.83 14.93
C MET A 57 16.00 1.38 13.48
N ASN A 58 17.14 1.27 12.81
CA ASN A 58 17.18 0.78 11.44
C ASN A 58 17.63 -0.68 11.43
N TRP A 59 17.13 -1.43 10.44
CA TRP A 59 17.50 -2.82 10.24
C TRP A 59 17.91 -2.99 8.78
N TYR A 60 19.14 -3.44 8.56
CA TYR A 60 19.70 -3.61 7.23
C TYR A 60 19.90 -5.09 6.92
N GLN A 61 19.93 -5.41 5.63
CA GLN A 61 20.24 -6.75 5.15
C GLN A 61 21.37 -6.64 4.14
N GLN A 62 22.44 -7.41 4.36
CA GLN A 62 23.62 -7.35 3.51
C GLN A 62 23.97 -8.76 3.05
N LYS A 63 23.57 -9.10 1.83
CA LYS A 63 24.05 -10.32 1.21
C LYS A 63 25.51 -10.14 0.81
N PRO A 64 26.28 -11.23 0.73
CA PRO A 64 27.70 -11.10 0.37
C PRO A 64 27.89 -10.47 -1.00
N GLY A 65 28.86 -9.56 -1.08
CA GLY A 65 29.14 -8.84 -2.31
C GLY A 65 28.18 -7.73 -2.64
N GLN A 66 27.28 -7.37 -1.73
CA GLN A 66 26.27 -6.35 -1.98
C GLN A 66 26.25 -5.35 -0.84
N PRO A 67 25.85 -4.10 -1.11
CA PRO A 67 25.70 -3.12 -0.03
C PRO A 67 24.50 -3.44 0.83
N PRO A 68 24.45 -2.94 2.06
CA PRO A 68 23.29 -3.19 2.92
C PRO A 68 22.01 -2.63 2.32
N LYS A 69 20.92 -3.38 2.50
CA LYS A 69 19.60 -2.98 2.02
C LYS A 69 18.72 -2.70 3.23
N LEU A 70 18.15 -1.51 3.29
CA LEU A 70 17.33 -1.13 4.43
C LEU A 70 16.03 -1.91 4.43
N LEU A 71 15.75 -2.57 5.55
CA LEU A 71 14.51 -3.32 5.73
C LEU A 71 13.49 -2.53 6.55
N ILE A 72 13.88 -2.13 7.75
CA ILE A 72 12.99 -1.48 8.70
C ILE A 72 13.65 -0.19 9.19
N TYR A 73 12.89 0.89 9.23
CA TYR A 73 13.34 2.13 9.82
C TYR A 73 12.33 2.60 10.86
N THR A 74 12.82 3.36 11.84
CA THR A 74 12.02 3.85 12.97
C THR A 74 11.36 2.69 13.72
N THR A 75 12.08 1.56 13.78
CA THR A 75 11.83 0.39 14.63
C THR A 75 10.62 -0.43 14.19
N SER A 76 9.77 0.12 13.32
CA SER A 76 8.66 -0.69 12.81
C SER A 76 8.38 -0.49 11.33
N ASN A 77 8.75 0.64 10.74
CA ASN A 77 8.28 0.97 9.39
C ASN A 77 9.02 0.14 8.36
N LEU A 78 8.30 -0.73 7.67
CA LEU A 78 8.91 -1.56 6.65
C LEU A 78 9.24 -0.72 5.41
N GLU A 79 10.39 -0.98 4.82
CA GLU A 79 10.81 -0.25 3.64
C GLU A 79 10.00 -0.70 2.42
N SER A 80 9.81 0.23 1.48
CA SER A 80 9.06 -0.06 0.26
C SER A 80 9.79 -1.10 -0.57
N GLY A 81 9.03 -2.11 -1.03
CA GLY A 81 9.58 -3.20 -1.80
C GLY A 81 10.07 -4.37 -0.97
N ILE A 82 10.34 -4.15 0.31
CA ILE A 82 10.77 -5.24 1.20
C ILE A 82 9.56 -6.12 1.52
N PRO A 83 9.70 -7.45 1.50
CA PRO A 83 8.55 -8.31 1.83
C PRO A 83 8.05 -8.07 3.25
N ALA A 84 6.73 -8.29 3.41
CA ALA A 84 6.06 -8.01 4.68
C ALA A 84 6.47 -8.96 5.81
N ARG A 85 7.19 -10.03 5.49
CA ARG A 85 7.61 -11.00 6.51
C ARG A 85 8.62 -10.44 7.50
N PHE A 86 9.23 -9.29 7.20
CA PHE A 86 10.14 -8.63 8.13
C PHE A 86 9.34 -7.69 9.03
N SER A 87 9.50 -7.87 10.35
CA SER A 87 8.80 -7.04 11.31
C SER A 87 9.74 -6.65 12.43
N GLY A 88 9.68 -5.39 12.85
CA GLY A 88 10.50 -4.87 13.92
C GLY A 88 9.65 -4.56 15.14
N SER A 89 10.14 -4.98 16.31
CA SER A 89 9.43 -4.83 17.57
C SER A 89 10.36 -4.21 18.60
N GLY A 90 9.86 -4.06 19.81
CA GLY A 90 10.67 -3.59 20.92
C GLY A 90 10.69 -2.09 21.02
N SER A 91 10.89 -1.61 22.26
CA SER A 91 11.02 -0.19 22.53
C SER A 91 11.86 -0.01 23.78
N GLY A 92 12.44 1.18 23.91
CA GLY A 92 13.33 1.45 25.02
C GLY A 92 14.76 1.07 24.71
N THR A 93 15.18 -0.11 25.16
CA THR A 93 16.52 -0.62 24.90
C THR A 93 16.52 -1.94 24.14
N ASP A 94 15.51 -2.78 24.31
CA ASP A 94 15.45 -4.07 23.63
C ASP A 94 14.73 -3.91 22.30
N PHE A 95 15.35 -4.41 21.23
CA PHE A 95 14.80 -4.32 19.89
C PHE A 95 14.91 -5.69 19.21
N THR A 96 13.88 -6.04 18.44
CA THR A 96 13.76 -7.38 17.89
C THR A 96 13.41 -7.30 16.40
N LEU A 97 14.10 -8.09 15.59
CA LEU A 97 13.76 -8.27 14.18
C LEU A 97 13.22 -9.68 14.00
N ASN A 98 12.00 -9.78 13.45
CA ASN A 98 11.33 -11.05 13.25
C ASN A 98 11.11 -11.28 11.76
N ILE A 99 11.52 -12.45 11.28
CA ILE A 99 11.34 -12.85 9.89
C ILE A 99 10.47 -14.09 9.88
N HIS A 100 9.26 -13.97 9.32
CA HIS A 100 8.35 -15.12 9.26
C HIS A 100 7.34 -14.92 8.15
N PRO A 101 7.24 -15.86 7.20
CA PRO A 101 8.04 -17.09 7.05
C PRO A 101 9.41 -16.82 6.45
N VAL A 102 10.40 -17.66 6.74
CA VAL A 102 11.75 -17.49 6.22
C VAL A 102 11.85 -18.21 4.89
N GLU A 103 12.26 -17.48 3.85
CA GLU A 103 12.44 -18.04 2.52
C GLU A 103 13.91 -18.38 2.30
N GLU A 104 14.21 -18.86 1.09
CA GLU A 104 15.57 -19.28 0.77
C GLU A 104 16.50 -18.09 0.59
N GLY A 105 15.98 -16.95 0.15
CA GLY A 105 16.79 -15.78 -0.14
C GLY A 105 17.12 -14.91 1.05
N ASP A 106 16.74 -15.30 2.26
CA ASP A 106 16.99 -14.52 3.46
C ASP A 106 18.33 -14.85 4.11
N ALA A 107 19.14 -15.71 3.49
CA ALA A 107 20.44 -16.06 4.04
C ALA A 107 21.42 -14.91 3.85
N ALA A 108 21.44 -13.97 4.80
CA ALA A 108 22.31 -12.82 4.74
C ALA A 108 22.65 -12.39 6.16
N THR A 109 23.29 -11.23 6.29
CA THR A 109 23.66 -10.66 7.58
C THR A 109 22.76 -9.47 7.87
N TYR A 110 22.22 -9.41 9.09
CA TYR A 110 21.26 -8.40 9.48
C TYR A 110 21.88 -7.50 10.54
N TYR A 111 21.85 -6.19 10.28
CA TYR A 111 22.46 -5.20 11.16
C TYR A 111 21.40 -4.28 11.74
N CYS A 112 21.65 -3.79 12.95
CA CYS A 112 20.78 -2.84 13.62
C CYS A 112 21.55 -1.54 13.84
N GLN A 113 20.94 -0.42 13.45
CA GLN A 113 21.57 0.89 13.57
C GLN A 113 20.64 1.83 14.33
N GLN A 114 21.18 2.51 15.33
CA GLN A 114 20.41 3.49 16.09
C GLN A 114 20.51 4.83 15.37
N ASN A 115 19.40 5.30 14.82
CA ASN A 115 19.35 6.58 14.13
C ASN A 115 18.87 7.71 15.04
N ASN A 116 19.49 7.85 16.21
CA ASN A 116 19.04 8.85 17.16
C ASN A 116 20.13 9.87 17.50
N GLU A 117 21.34 9.42 17.82
CA GLU A 117 22.41 10.30 18.25
C GLU A 117 23.67 10.01 17.45
N ASP A 118 24.47 11.05 17.24
CA ASP A 118 25.74 10.88 16.56
C ASP A 118 26.73 10.18 17.49
N PRO A 119 27.45 9.15 17.02
CA PRO A 119 27.36 8.54 15.69
C PRO A 119 26.25 7.50 15.60
N TYR A 120 25.69 7.30 14.42
CA TYR A 120 24.62 6.31 14.21
C TYR A 120 25.27 4.94 14.14
N THR A 121 25.58 4.39 15.31
CA THR A 121 26.34 3.16 15.41
C THR A 121 25.52 1.96 14.92
N PHE A 122 26.19 1.05 14.22
CA PHE A 122 25.58 -0.17 13.75
C PHE A 122 25.74 -1.28 14.78
N GLY A 123 24.97 -2.35 14.59
CA GLY A 123 25.10 -3.52 15.43
C GLY A 123 26.20 -4.45 14.95
N GLY A 124 26.43 -5.50 15.73
CA GLY A 124 27.45 -6.47 15.38
C GLY A 124 27.09 -7.29 14.16
N GLY A 125 25.80 -7.44 13.87
CA GLY A 125 25.37 -8.21 12.72
C GLY A 125 25.36 -9.70 12.95
N THR A 126 24.33 -10.38 12.43
CA THR A 126 24.21 -11.82 12.55
C THR A 126 23.87 -12.42 11.19
N LYS A 127 24.62 -13.44 10.79
CA LYS A 127 24.37 -14.12 9.53
C LYS A 127 23.30 -15.18 9.74
N LEU A 128 22.24 -15.11 8.94
CA LEU A 128 21.11 -16.02 9.06
C LEU A 128 21.37 -17.26 8.21
N GLU A 129 21.44 -18.42 8.85
CA GLU A 129 21.69 -19.68 8.16
C GLU A 129 20.38 -20.43 7.96
N ILE A 130 20.14 -20.92 6.75
CA ILE A 130 18.82 -21.58 6.48
C ILE A 130 18.96 -23.08 6.76
N LYS A 131 18.39 -23.54 7.87
CA LYS A 131 18.45 -24.98 8.22
C LYS A 131 17.73 -25.78 7.14
N ARG A 132 18.50 -26.49 6.30
CA ARG A 132 17.89 -27.25 5.18
C ARG A 132 18.31 -28.72 5.28
N ALA A 133 17.50 -29.63 4.74
CA ALA A 133 17.79 -31.07 4.82
C ALA A 133 19.28 -31.32 4.56
N ASP A 134 19.97 -31.97 5.51
CA ASP A 134 21.37 -32.30 5.30
C ASP A 134 21.57 -33.01 3.97
N ALA A 135 22.71 -32.75 3.33
CA ALA A 135 23.03 -33.32 2.04
C ALA A 135 24.48 -33.78 2.04
N ALA A 136 24.78 -34.72 1.14
CA ALA A 136 26.12 -35.26 1.00
C ALA A 136 26.95 -34.36 0.10
N PRO A 137 28.22 -34.14 0.43
CA PRO A 137 29.06 -33.26 -0.39
C PRO A 137 29.47 -33.93 -1.69
N THR A 138 29.24 -33.24 -2.80
CA THR A 138 29.78 -33.67 -4.09
C THR A 138 31.27 -33.39 -4.12
N VAL A 139 32.07 -34.45 -4.23
CA VAL A 139 33.52 -34.38 -4.09
C VAL A 139 34.16 -34.50 -5.45
N SER A 140 35.13 -33.63 -5.73
CA SER A 140 35.87 -33.69 -6.99
C SER A 140 37.33 -33.37 -6.73
N ILE A 141 38.23 -34.08 -7.41
CA ILE A 141 39.67 -33.94 -7.21
C ILE A 141 40.30 -33.49 -8.53
N PHE A 142 41.10 -32.42 -8.45
CA PHE A 142 41.83 -31.85 -9.58
C PHE A 142 43.32 -31.95 -9.34
N PRO A 143 44.06 -32.70 -10.15
CA PRO A 143 45.53 -32.66 -10.09
C PRO A 143 46.04 -31.34 -10.61
N PRO A 144 47.27 -30.96 -10.26
CA PRO A 144 47.83 -29.70 -10.78
C PRO A 144 47.93 -29.72 -12.30
N SER A 145 47.66 -28.56 -12.90
CA SER A 145 47.68 -28.45 -14.35
C SER A 145 49.10 -28.55 -14.90
N SER A 146 49.21 -29.01 -16.14
CA SER A 146 50.52 -29.15 -16.78
C SER A 146 51.17 -27.78 -16.98
N GLU A 147 50.38 -26.76 -17.34
CA GLU A 147 50.93 -25.43 -17.53
C GLU A 147 51.52 -24.88 -16.22
N GLN A 148 50.80 -25.09 -15.11
CA GLN A 148 51.35 -24.69 -13.82
C GLN A 148 52.50 -25.59 -13.39
N LEU A 149 52.45 -26.87 -13.77
CA LEU A 149 53.52 -27.79 -13.39
C LEU A 149 54.85 -27.35 -13.98
N THR A 150 54.88 -27.01 -15.26
CA THR A 150 56.11 -26.55 -15.90
C THR A 150 56.54 -25.17 -15.41
N SER A 151 55.66 -24.43 -14.73
CA SER A 151 56.01 -23.10 -14.24
C SER A 151 56.95 -23.14 -13.03
N GLY A 152 56.98 -24.25 -12.30
CA GLY A 152 57.87 -24.36 -11.16
C GLY A 152 57.20 -24.84 -9.89
N GLY A 153 55.88 -24.95 -9.90
CA GLY A 153 55.15 -25.40 -8.73
C GLY A 153 53.96 -26.28 -9.08
N ALA A 154 53.16 -26.63 -8.09
CA ALA A 154 51.98 -27.45 -8.32
C ALA A 154 50.96 -27.18 -7.21
N SER A 155 49.70 -27.44 -7.53
CA SER A 155 48.61 -27.21 -6.57
C SER A 155 47.50 -28.20 -6.88
N VAL A 156 47.21 -29.09 -5.95
CA VAL A 156 46.13 -30.07 -6.07
C VAL A 156 44.91 -29.54 -5.33
N VAL A 157 43.75 -29.64 -5.97
CA VAL A 157 42.54 -28.98 -5.50
C VAL A 157 41.45 -30.02 -5.25
N CYS A 158 40.66 -29.79 -4.20
CA CYS A 158 39.54 -30.65 -3.86
C CYS A 158 38.31 -29.77 -3.68
N PHE A 159 37.26 -30.03 -4.46
CA PHE A 159 36.03 -29.26 -4.42
C PHE A 159 34.92 -30.07 -3.76
N LEU A 160 34.24 -29.44 -2.80
CA LEU A 160 33.02 -29.95 -2.18
C LEU A 160 31.89 -29.03 -2.60
N ASN A 161 30.83 -29.60 -3.16
CA ASN A 161 29.69 -28.81 -3.62
C ASN A 161 28.41 -29.31 -2.96
N ASN A 162 27.53 -28.37 -2.60
CA ASN A 162 26.17 -28.67 -2.17
C ASN A 162 26.16 -29.61 -0.96
N PHE A 163 26.75 -29.09 0.13
CA PHE A 163 26.84 -29.81 1.38
C PHE A 163 26.29 -28.95 2.52
N TYR A 164 25.81 -29.63 3.57
CA TYR A 164 25.23 -28.96 4.72
C TYR A 164 25.36 -29.90 5.91
N PRO A 165 25.70 -29.39 7.10
CA PRO A 165 25.96 -27.99 7.42
C PRO A 165 27.34 -27.50 7.00
N LYS A 166 27.68 -26.27 7.42
CA LYS A 166 28.94 -25.66 7.00
C LYS A 166 30.15 -26.34 7.64
N ASP A 167 30.01 -26.84 8.88
CA ASP A 167 31.15 -27.41 9.58
C ASP A 167 31.57 -28.72 8.92
N ILE A 168 32.83 -28.77 8.49
CA ILE A 168 33.38 -29.96 7.83
C ILE A 168 34.89 -29.81 7.83
N ASN A 169 35.59 -30.96 7.86
CA ASN A 169 37.04 -30.99 7.88
C ASN A 169 37.53 -31.88 6.74
N VAL A 170 38.39 -31.33 5.90
CA VAL A 170 38.96 -32.04 4.75
C VAL A 170 40.45 -32.21 4.97
N LYS A 171 40.95 -33.40 4.68
CA LYS A 171 42.35 -33.72 4.89
C LYS A 171 42.96 -34.23 3.60
N TRP A 172 44.27 -33.99 3.46
CA TRP A 172 45.07 -34.43 2.34
C TRP A 172 46.04 -35.51 2.78
N LYS A 173 46.22 -36.51 1.92
CA LYS A 173 47.03 -37.69 2.21
C LYS A 173 48.10 -37.83 1.14
N ILE A 174 49.36 -37.89 1.58
CA ILE A 174 50.53 -38.02 0.72
C ILE A 174 51.21 -39.34 1.08
N ASP A 175 51.24 -40.27 0.13
CA ASP A 175 52.02 -41.51 0.21
C ASP A 175 51.86 -42.19 1.57
N GLY A 176 50.64 -42.23 2.07
CA GLY A 176 50.34 -42.96 3.29
C GLY A 176 50.37 -42.17 4.57
N SER A 177 50.41 -40.83 4.50
CA SER A 177 50.39 -40.02 5.71
C SER A 177 49.66 -38.72 5.42
N GLU A 178 48.80 -38.30 6.34
CA GLU A 178 48.07 -37.06 6.15
C GLU A 178 48.96 -35.86 6.46
N ARG A 179 48.67 -34.76 5.78
CA ARG A 179 49.44 -33.53 5.90
C ARG A 179 48.51 -32.36 6.21
N GLN A 180 48.91 -31.53 7.17
CA GLN A 180 48.10 -30.40 7.60
C GLN A 180 48.63 -29.06 7.07
N ASN A 181 49.91 -28.79 7.25
CA ASN A 181 50.49 -27.54 6.79
C ASN A 181 50.51 -27.50 5.26
N GLY A 182 50.40 -26.30 4.71
CA GLY A 182 50.32 -26.12 3.28
C GLY A 182 48.94 -26.31 2.69
N VAL A 183 47.92 -26.43 3.51
CA VAL A 183 46.54 -26.63 3.05
C VAL A 183 45.75 -25.36 3.34
N LEU A 184 45.11 -24.81 2.33
CA LEU A 184 44.27 -23.63 2.49
C LEU A 184 42.84 -23.95 2.08
N ASN A 185 41.88 -23.53 2.91
CA ASN A 185 40.48 -23.79 2.67
C ASN A 185 39.73 -22.49 2.41
N SER A 186 38.79 -22.55 1.46
CA SER A 186 37.94 -21.41 1.14
C SER A 186 36.49 -21.87 1.22
N TRP A 187 35.71 -21.18 2.04
CA TRP A 187 34.29 -21.47 2.21
C TRP A 187 33.47 -20.41 1.47
N THR A 188 32.46 -20.86 0.73
CA THR A 188 31.54 -19.95 0.08
C THR A 188 30.37 -19.64 1.00
N ASP A 189 29.73 -18.50 0.75
CA ASP A 189 28.55 -18.13 1.51
C ASP A 189 27.37 -19.03 1.16
N GLN A 190 26.35 -19.01 2.02
CA GLN A 190 25.17 -19.83 1.79
C GLN A 190 24.45 -19.38 0.52
N ASP A 191 24.28 -20.30 -0.42
CA ASP A 191 23.69 -19.97 -1.72
C ASP A 191 22.21 -19.64 -1.57
N SER A 192 21.73 -18.73 -2.43
CA SER A 192 20.36 -18.29 -2.41
C SER A 192 19.47 -19.13 -3.35
N LYS A 193 19.89 -20.33 -3.69
CA LYS A 193 19.11 -21.20 -4.56
C LYS A 193 18.84 -22.57 -3.94
N ASP A 194 19.78 -23.12 -3.18
CA ASP A 194 19.60 -24.41 -2.53
C ASP A 194 19.99 -24.40 -1.06
N SER A 195 20.46 -23.27 -0.52
CA SER A 195 20.85 -23.16 0.89
C SER A 195 21.90 -24.21 1.27
N THR A 196 22.85 -24.44 0.38
CA THR A 196 23.94 -25.37 0.61
C THR A 196 25.27 -24.68 0.35
N TYR A 197 26.32 -25.21 0.96
CA TYR A 197 27.63 -24.59 0.92
C TYR A 197 28.57 -25.29 -0.07
N SER A 198 29.70 -24.64 -0.33
CA SER A 198 30.76 -25.21 -1.15
C SER A 198 32.09 -24.87 -0.50
N MET A 199 33.04 -25.78 -0.66
CA MET A 199 34.37 -25.61 -0.08
C MET A 199 35.42 -25.97 -1.12
N SER A 200 36.54 -25.23 -1.08
CA SER A 200 37.66 -25.49 -1.97
C SER A 200 38.91 -25.62 -1.12
N SER A 201 39.50 -26.82 -1.10
CA SER A 201 40.75 -27.06 -0.41
C SER A 201 41.89 -27.14 -1.43
N THR A 202 42.98 -26.44 -1.14
CA THR A 202 44.12 -26.38 -2.04
C THR A 202 45.37 -26.77 -1.28
N LEU A 203 46.11 -27.75 -1.81
CA LEU A 203 47.42 -28.12 -1.31
C LEU A 203 48.45 -27.72 -2.35
N THR A 204 49.28 -26.73 -2.02
CA THR A 204 50.33 -26.24 -2.89
C THR A 204 51.66 -26.88 -2.50
N LEU A 205 52.52 -27.07 -3.50
CA LEU A 205 53.79 -27.73 -3.27
C LEU A 205 54.77 -27.35 -4.38
N THR A 206 56.02 -27.09 -3.99
CA THR A 206 57.06 -26.82 -4.97
C THR A 206 57.32 -28.06 -5.83
N LYS A 207 57.83 -27.83 -7.03
CA LYS A 207 58.11 -28.93 -7.94
C LYS A 207 59.19 -29.86 -7.42
N ASP A 208 59.98 -29.42 -6.44
CA ASP A 208 61.01 -30.29 -5.87
C ASP A 208 60.40 -31.50 -5.20
N GLU A 209 59.32 -31.30 -4.42
CA GLU A 209 58.69 -32.37 -3.67
C GLU A 209 57.49 -32.99 -4.37
N TYR A 210 57.05 -32.43 -5.50
CA TYR A 210 55.85 -32.95 -6.16
C TYR A 210 56.12 -34.33 -6.76
N GLU A 211 57.28 -34.51 -7.40
CA GLU A 211 57.62 -35.79 -8.02
C GLU A 211 58.24 -36.78 -7.03
N ARG A 212 58.50 -36.37 -5.79
CA ARG A 212 59.03 -37.29 -4.80
C ARG A 212 57.96 -38.20 -4.20
N HIS A 213 56.69 -37.95 -4.48
CA HIS A 213 55.59 -38.77 -4.00
C HIS A 213 54.63 -39.03 -5.16
N ASN A 214 53.87 -40.12 -5.03
CA ASN A 214 53.01 -40.60 -6.11
C ASN A 214 51.53 -40.39 -5.82
N SER A 215 51.04 -40.87 -4.68
CA SER A 215 49.62 -40.86 -4.39
C SER A 215 49.22 -39.53 -3.75
N TYR A 216 48.16 -38.92 -4.27
CA TYR A 216 47.58 -37.71 -3.72
C TYR A 216 46.11 -37.97 -3.42
N THR A 217 45.72 -37.77 -2.16
CA THR A 217 44.38 -38.15 -1.73
C THR A 217 43.70 -37.00 -0.99
N CYS A 218 42.40 -36.85 -1.22
CA CYS A 218 41.57 -35.89 -0.50
C CYS A 218 40.42 -36.64 0.13
N GLU A 219 40.28 -36.52 1.46
CA GLU A 219 39.22 -37.20 2.17
C GLU A 219 38.43 -36.21 3.02
N ALA A 220 37.12 -36.40 3.07
CA ALA A 220 36.21 -35.53 3.79
C ALA A 220 35.39 -36.35 4.78
N THR A 221 35.29 -35.85 6.00
CA THR A 221 34.51 -36.47 7.07
C THR A 221 33.37 -35.50 7.41
N HIS A 222 32.19 -35.77 6.87
CA HIS A 222 31.03 -34.90 7.05
C HIS A 222 29.98 -35.59 7.92
N LYS A 223 29.10 -34.77 8.51
CA LYS A 223 28.04 -35.27 9.36
C LYS A 223 26.93 -35.96 8.59
N THR A 224 26.93 -35.86 7.25
CA THR A 224 25.87 -36.46 6.45
C THR A 224 25.88 -37.99 6.51
N SER A 225 27.00 -38.60 6.87
CA SER A 225 27.11 -40.05 6.94
C SER A 225 28.31 -40.39 7.80
N THR A 226 28.44 -41.69 8.12
CA THR A 226 29.55 -42.19 8.91
C THR A 226 30.71 -42.67 8.05
N SER A 227 30.60 -42.57 6.72
CA SER A 227 31.65 -43.03 5.83
C SER A 227 32.46 -41.84 5.33
N PRO A 228 33.74 -41.74 5.68
CA PRO A 228 34.57 -40.64 5.15
C PRO A 228 34.80 -40.80 3.64
N ILE A 229 34.33 -39.84 2.86
CA ILE A 229 34.39 -39.96 1.41
C ILE A 229 35.80 -39.60 0.93
N VAL A 230 36.36 -40.45 0.06
CA VAL A 230 37.76 -40.39 -0.32
C VAL A 230 37.86 -40.35 -1.84
N LYS A 231 38.64 -39.41 -2.36
CA LYS A 231 38.97 -39.37 -3.79
C LYS A 231 40.48 -39.17 -3.92
N SER A 232 41.14 -40.05 -4.69
CA SER A 232 42.58 -40.03 -4.79
C SER A 232 43.01 -40.22 -6.23
N PHE A 233 44.27 -39.95 -6.49
CA PHE A 233 44.86 -40.15 -7.82
C PHE A 233 46.36 -40.36 -7.64
N ASN A 234 47.02 -40.69 -8.76
CA ASN A 234 48.44 -40.97 -8.77
C ASN A 234 49.13 -40.13 -9.82
N ARG A 235 50.40 -39.81 -9.58
CA ARG A 235 51.16 -39.00 -10.52
C ARG A 235 51.39 -39.73 -11.83
N ASN A 236 51.81 -40.99 -11.76
CA ASN A 236 52.05 -41.78 -12.97
C ASN A 236 50.77 -42.27 -13.62
N GLU A 237 49.63 -42.19 -12.92
CA GLU A 237 48.36 -42.62 -13.51
C GLU A 237 47.93 -41.71 -14.65
N CYS A 238 48.26 -40.42 -14.56
CA CYS A 238 47.90 -39.46 -15.60
C CYS A 238 48.61 -39.77 -16.92
N GLU B 20 16.16 3.68 -10.66
CA GLU B 20 15.80 4.91 -9.96
C GLU B 20 17.05 5.68 -9.54
N VAL B 21 17.24 5.80 -8.23
CA VAL B 21 18.40 6.50 -7.67
C VAL B 21 19.59 5.55 -7.69
N GLN B 22 20.60 5.89 -8.50
CA GLN B 22 21.80 5.06 -8.65
C GLN B 22 23.02 5.85 -8.20
N LEU B 23 23.81 5.25 -7.33
CA LEU B 23 25.05 5.85 -6.83
C LEU B 23 26.21 5.01 -7.33
N GLN B 24 27.08 5.62 -8.14
CA GLN B 24 28.22 4.94 -8.73
C GLN B 24 29.50 5.43 -8.07
N GLN B 25 30.31 4.51 -7.58
CA GLN B 25 31.57 4.83 -6.94
C GLN B 25 32.74 4.38 -7.79
N SER B 26 33.93 4.82 -7.39
CA SER B 26 35.15 4.36 -8.04
C SER B 26 35.43 2.91 -7.66
N GLY B 27 36.22 2.24 -8.49
CA GLY B 27 36.54 0.85 -8.26
C GLY B 27 37.55 0.67 -7.16
N PRO B 28 37.89 -0.59 -6.88
CA PRO B 28 38.90 -0.89 -5.86
C PRO B 28 40.26 -0.37 -6.28
N GLU B 29 41.05 0.03 -5.29
CA GLU B 29 42.39 0.57 -5.54
C GLU B 29 43.31 0.19 -4.40
N LEU B 30 44.61 0.23 -4.68
CA LEU B 30 45.65 -0.05 -3.70
C LEU B 30 46.32 1.27 -3.33
N VAL B 31 46.23 1.64 -2.05
CA VAL B 31 46.78 2.89 -1.55
C VAL B 31 47.96 2.57 -0.65
N LYS B 32 49.08 3.25 -0.86
CA LYS B 32 50.24 3.07 -0.02
C LYS B 32 49.95 3.57 1.40
N PRO B 33 50.55 2.94 2.42
CA PRO B 33 50.29 3.37 3.80
C PRO B 33 50.78 4.79 4.05
N GLY B 34 50.08 5.48 4.96
CA GLY B 34 50.40 6.86 5.27
C GLY B 34 50.15 7.83 4.13
N ALA B 35 49.09 7.61 3.37
CA ALA B 35 48.77 8.49 2.25
C ALA B 35 47.31 8.94 2.33
N SER B 36 46.83 9.61 1.27
CA SER B 36 45.46 10.09 1.21
C SER B 36 44.77 9.52 -0.02
N MET B 37 43.47 9.31 0.09
CA MET B 37 42.67 8.79 -1.02
C MET B 37 41.34 9.51 -1.05
N LYS B 38 40.90 9.89 -2.25
CA LYS B 38 39.62 10.53 -2.46
C LYS B 38 38.67 9.53 -3.10
N ILE B 39 37.52 9.31 -2.47
CA ILE B 39 36.53 8.35 -2.93
C ILE B 39 35.36 9.13 -3.53
N SER B 40 35.10 8.92 -4.80
CA SER B 40 34.02 9.61 -5.51
C SER B 40 32.76 8.77 -5.51
N CYS B 41 31.63 9.42 -5.25
CA CYS B 41 30.31 8.76 -5.22
C CYS B 41 29.43 9.50 -6.21
N LYS B 42 29.49 9.09 -7.47
CA LYS B 42 28.72 9.75 -8.51
C LYS B 42 27.25 9.37 -8.41
N THR B 43 26.38 10.38 -8.41
CA THR B 43 24.96 10.18 -8.21
C THR B 43 24.19 10.38 -9.51
N SER B 44 23.04 9.75 -9.61
CA SER B 44 22.18 9.88 -10.78
C SER B 44 20.74 9.60 -10.38
N GLY B 45 19.81 10.05 -11.23
CA GLY B 45 18.41 9.79 -11.02
C GLY B 45 17.71 10.72 -10.05
N TYR B 46 18.41 11.69 -9.48
CA TYR B 46 17.80 12.61 -8.53
C TYR B 46 18.65 13.88 -8.49
N SER B 47 18.07 14.93 -7.91
CA SER B 47 18.78 16.18 -7.73
C SER B 47 19.84 16.01 -6.66
N PHE B 48 21.12 16.20 -7.04
CA PHE B 48 22.24 15.89 -6.16
C PHE B 48 22.19 16.69 -4.87
N THR B 49 21.90 17.99 -4.97
CA THR B 49 21.77 18.82 -3.78
C THR B 49 20.51 18.52 -2.98
N GLY B 50 19.68 17.58 -3.43
CA GLY B 50 18.41 17.34 -2.77
C GLY B 50 18.56 16.75 -1.38
N TYR B 51 19.18 15.58 -1.27
CA TYR B 51 19.20 14.85 -0.02
C TYR B 51 20.64 14.66 0.47
N THR B 52 20.76 14.46 1.79
CA THR B 52 22.05 14.31 2.43
C THR B 52 22.73 13.03 2.02
N MET B 53 24.06 13.08 1.90
CA MET B 53 24.88 11.96 1.46
C MET B 53 25.64 11.40 2.66
N ASN B 54 25.26 10.22 3.11
CA ASN B 54 25.92 9.55 4.22
C ASN B 54 27.08 8.72 3.71
N TRP B 55 28.03 8.45 4.61
CA TRP B 55 29.18 7.60 4.30
C TRP B 55 29.34 6.57 5.41
N VAL B 56 29.47 5.31 5.02
CA VAL B 56 29.54 4.19 5.96
C VAL B 56 30.77 3.34 5.62
N LYS B 57 31.55 2.99 6.63
CA LYS B 57 32.73 2.15 6.48
C LYS B 57 32.43 0.76 7.03
N GLN B 58 32.70 -0.26 6.22
CA GLN B 58 32.55 -1.65 6.64
C GLN B 58 33.91 -2.30 6.67
N SER B 59 34.44 -2.51 7.88
CA SER B 59 35.78 -3.07 8.06
C SER B 59 35.69 -4.55 8.36
N HIS B 60 36.61 -5.31 7.76
CA HIS B 60 36.75 -6.76 7.95
C HIS B 60 35.52 -7.53 7.51
N GLY B 61 34.68 -6.92 6.65
CA GLY B 61 33.54 -7.59 6.08
C GLY B 61 32.28 -7.55 6.90
N LYS B 62 32.37 -7.20 8.17
CA LYS B 62 31.17 -7.19 9.00
C LYS B 62 30.96 -5.88 9.77
N ASN B 63 32.03 -5.26 10.25
CA ASN B 63 31.91 -4.12 11.15
C ASN B 63 31.47 -2.87 10.42
N LEU B 64 30.15 -2.68 10.26
CA LEU B 64 29.64 -1.44 9.69
C LEU B 64 29.86 -0.29 10.66
N GLU B 65 30.51 0.77 10.19
CA GLU B 65 30.75 1.96 10.99
C GLU B 65 30.34 3.19 10.20
N TRP B 66 29.67 4.12 10.88
CA TRP B 66 29.20 5.35 10.25
C TRP B 66 30.31 6.38 10.29
N ILE B 67 30.63 6.95 9.12
CA ILE B 67 31.70 7.93 9.01
C ILE B 67 31.14 9.33 9.19
N GLY B 68 30.21 9.72 8.33
CA GLY B 68 29.61 11.03 8.43
C GLY B 68 28.65 11.26 7.28
N LEU B 69 27.99 12.42 7.35
CA LEU B 69 27.08 12.84 6.30
C LEU B 69 27.39 14.28 5.91
N ILE B 70 27.15 14.60 4.64
CA ILE B 70 27.35 15.95 4.13
C ILE B 70 26.10 16.34 3.34
N ASN B 71 25.58 17.53 3.62
CA ASN B 71 24.44 18.04 2.88
C ASN B 71 24.95 18.71 1.60
N PRO B 72 24.64 18.16 0.43
CA PRO B 72 25.21 18.71 -0.81
C PRO B 72 24.70 20.10 -1.16
N TYR B 73 23.59 20.54 -0.57
CA TYR B 73 23.03 21.86 -0.91
C TYR B 73 23.94 22.97 -0.41
N ASN B 74 24.17 23.04 0.90
CA ASN B 74 25.00 24.07 1.49
C ASN B 74 26.43 23.61 1.75
N GLY B 75 26.62 22.38 2.23
CA GLY B 75 27.95 21.85 2.45
C GLY B 75 28.30 21.54 3.89
N ASP B 76 27.40 21.70 4.85
CA ASP B 76 27.73 21.40 6.23
C ASP B 76 27.82 19.89 6.44
N THR B 77 28.79 19.48 7.24
CA THR B 77 29.07 18.07 7.49
C THR B 77 28.81 17.73 8.94
N SER B 78 28.77 16.42 9.21
CA SER B 78 28.59 15.92 10.58
C SER B 78 29.31 14.57 10.65
N TYR B 79 30.55 14.59 11.14
CA TYR B 79 31.38 13.40 11.17
C TYR B 79 31.17 12.61 12.45
N ASN B 80 31.57 11.34 12.39
CA ASN B 80 31.80 10.56 13.60
C ASN B 80 33.03 11.12 14.32
N GLN B 81 33.01 11.05 15.65
CA GLN B 81 34.16 11.52 16.42
C GLN B 81 35.40 10.68 16.15
N LYS B 82 35.21 9.39 15.85
CA LYS B 82 36.35 8.54 15.50
C LYS B 82 36.97 8.95 14.18
N PHE B 83 36.16 9.40 13.23
CA PHE B 83 36.63 9.72 11.88
C PHE B 83 36.89 11.20 11.67
N LYS B 84 36.81 12.03 12.72
CA LYS B 84 37.18 13.43 12.58
C LYS B 84 38.70 13.53 12.41
N GLY B 85 39.13 14.26 11.38
CA GLY B 85 40.53 14.33 11.03
C GLY B 85 41.01 13.21 10.15
N LYS B 86 40.22 12.15 9.97
CA LYS B 86 40.53 11.04 9.09
C LYS B 86 39.85 11.18 7.74
N ALA B 87 38.57 11.54 7.72
CA ALA B 87 37.81 11.69 6.49
C ALA B 87 37.27 13.11 6.39
N THR B 88 37.32 13.68 5.19
CA THR B 88 36.74 14.98 4.90
C THR B 88 35.77 14.82 3.74
N LEU B 89 34.52 15.21 3.95
CA LEU B 89 33.47 15.06 2.95
C LEU B 89 33.34 16.35 2.14
N THR B 90 33.35 16.22 0.81
CA THR B 90 33.16 17.34 -0.09
C THR B 90 32.18 16.94 -1.17
N VAL B 91 31.62 17.93 -1.86
CA VAL B 91 30.65 17.70 -2.92
C VAL B 91 31.06 18.49 -4.15
N ASP B 92 30.51 18.08 -5.29
CA ASP B 92 30.72 18.74 -6.58
C ASP B 92 29.34 18.84 -7.23
N LYS B 93 28.68 19.98 -7.04
CA LYS B 93 27.32 20.16 -7.54
C LYS B 93 27.27 20.16 -9.06
N SER B 94 28.33 20.64 -9.71
CA SER B 94 28.34 20.69 -11.18
C SER B 94 28.31 19.29 -11.78
N SER B 95 29.11 18.37 -11.24
CA SER B 95 29.17 17.01 -11.73
C SER B 95 28.30 16.04 -10.95
N SER B 96 27.57 16.53 -9.94
CA SER B 96 26.70 15.70 -9.09
C SER B 96 27.46 14.54 -8.46
N THR B 97 28.67 14.82 -7.98
CA THR B 97 29.55 13.81 -7.41
C THR B 97 29.95 14.23 -6.01
N ALA B 98 29.69 13.36 -5.03
CA ALA B 98 30.07 13.59 -3.64
C ALA B 98 31.38 12.85 -3.36
N TYR B 99 32.33 13.55 -2.76
CA TYR B 99 33.66 13.01 -2.50
C TYR B 99 33.88 12.81 -1.01
N MET B 100 34.62 11.76 -0.68
CA MET B 100 35.19 11.58 0.65
C MET B 100 36.69 11.45 0.49
N GLU B 101 37.44 12.33 1.16
CA GLU B 101 38.89 12.36 1.05
C GLU B 101 39.46 11.84 2.37
N LEU B 102 39.85 10.57 2.38
CA LEU B 102 40.48 9.99 3.56
C LEU B 102 41.90 10.53 3.71
N LEU B 103 42.30 10.75 4.97
CA LEU B 103 43.59 11.34 5.27
C LEU B 103 44.40 10.41 6.16
N SER B 104 45.68 10.24 5.83
CA SER B 104 46.64 9.44 6.59
C SER B 104 46.15 8.00 6.75
N LEU B 105 46.04 7.31 5.62
CA LEU B 105 45.52 5.95 5.60
C LEU B 105 46.51 4.99 6.27
N THR B 106 45.99 4.17 7.19
CA THR B 106 46.76 3.13 7.87
C THR B 106 46.15 1.77 7.54
N SER B 107 46.73 0.73 8.13
CA SER B 107 46.26 -0.63 7.87
C SER B 107 44.86 -0.88 8.40
N GLU B 108 44.40 -0.09 9.36
CA GLU B 108 43.03 -0.21 9.87
C GLU B 108 41.99 0.28 8.87
N ASP B 109 42.41 0.98 7.81
CA ASP B 109 41.49 1.53 6.81
C ASP B 109 41.25 0.57 5.65
N SER B 110 41.76 -0.66 5.72
CA SER B 110 41.51 -1.65 4.68
C SER B 110 40.07 -2.14 4.81
N ALA B 111 39.15 -1.31 4.34
CA ALA B 111 37.73 -1.54 4.53
C ALA B 111 36.99 -1.25 3.22
N VAL B 112 35.68 -1.44 3.26
CA VAL B 112 34.80 -1.12 2.14
C VAL B 112 33.96 0.08 2.56
N TYR B 113 34.01 1.15 1.77
CA TYR B 113 33.33 2.41 2.09
C TYR B 113 32.13 2.57 1.18
N TYR B 114 30.96 2.79 1.79
CA TYR B 114 29.72 2.95 1.07
C TYR B 114 29.21 4.38 1.21
N CYS B 115 28.39 4.79 0.24
CA CYS B 115 27.69 6.07 0.30
C CYS B 115 26.21 5.79 0.10
N GLU B 116 25.38 6.21 1.05
CA GLU B 116 23.94 6.07 0.96
C GLU B 116 23.28 7.43 1.05
N VAL B 117 22.04 7.51 0.55
CA VAL B 117 21.32 8.78 0.52
C VAL B 117 20.29 8.82 1.65
N ILE B 118 19.30 7.92 1.59
CA ILE B 118 18.28 7.84 2.64
C ILE B 118 18.35 6.44 3.23
N ASN B 119 19.56 5.88 3.30
CA ASN B 119 19.86 4.56 3.84
C ASN B 119 19.30 3.43 2.97
N THR B 120 18.60 3.78 1.89
CA THR B 120 18.03 2.78 0.99
C THR B 120 18.86 2.59 -0.27
N TYR B 121 19.30 3.68 -0.88
CA TYR B 121 20.06 3.64 -2.12
C TYR B 121 21.53 3.79 -1.78
N TRP B 122 22.30 2.75 -2.04
CA TRP B 122 23.70 2.67 -1.64
C TRP B 122 24.59 2.53 -2.86
N GLY B 123 25.82 3.02 -2.73
CA GLY B 123 26.82 2.72 -3.73
C GLY B 123 27.28 1.28 -3.65
N GLN B 124 27.97 0.83 -4.70
CA GLN B 124 28.44 -0.54 -4.73
C GLN B 124 29.60 -0.78 -3.76
N GLY B 125 30.16 0.26 -3.17
CA GLY B 125 31.23 0.11 -2.22
C GLY B 125 32.60 0.14 -2.86
N THR B 126 33.50 0.94 -2.31
CA THR B 126 34.87 1.05 -2.80
C THR B 126 35.80 0.27 -1.87
N LEU B 127 36.42 -0.77 -2.39
CA LEU B 127 37.32 -1.60 -1.60
C LEU B 127 38.68 -0.92 -1.54
N VAL B 128 38.94 -0.22 -0.44
CA VAL B 128 40.22 0.45 -0.23
C VAL B 128 41.18 -0.54 0.42
N THR B 129 42.29 -0.81 -0.24
CA THR B 129 43.32 -1.72 0.26
C THR B 129 44.56 -0.89 0.60
N VAL B 130 44.78 -0.64 1.89
CA VAL B 130 45.94 0.20 2.30
C VAL B 130 47.17 -0.69 2.50
N SER B 131 47.97 -0.86 1.44
CA SER B 131 49.18 -1.71 1.53
C SER B 131 50.28 -1.14 0.63
N ALA B 132 51.55 -1.38 0.97
CA ALA B 132 52.69 -0.91 0.15
C ALA B 132 53.09 -2.02 -0.82
N ALA B 133 52.28 -3.08 -0.92
CA ALA B 133 52.59 -4.21 -1.83
C ALA B 133 52.59 -3.74 -3.27
N LYS B 134 53.32 -4.45 -4.15
CA LYS B 134 53.31 -4.10 -5.59
C LYS B 134 52.14 -4.82 -6.27
N THR B 135 51.31 -4.08 -7.00
CA THR B 135 50.19 -4.72 -7.75
C THR B 135 50.77 -5.86 -8.59
N THR B 136 50.32 -7.09 -8.33
CA THR B 136 50.86 -8.27 -9.05
C THR B 136 49.80 -8.78 -10.03
N PRO B 137 50.13 -9.05 -11.32
CA PRO B 137 49.14 -9.61 -12.24
C PRO B 137 48.75 -11.01 -11.82
N PRO B 138 47.50 -11.39 -12.04
CA PRO B 138 47.05 -12.72 -11.62
C PRO B 138 47.62 -13.83 -12.48
N SER B 139 47.71 -15.02 -11.89
CA SER B 139 48.11 -16.23 -12.60
C SER B 139 46.87 -17.10 -12.78
N VAL B 140 46.43 -17.25 -14.02
CA VAL B 140 45.17 -17.93 -14.34
C VAL B 140 45.49 -19.30 -14.93
N TYR B 141 44.85 -20.33 -14.38
CA TYR B 141 45.08 -21.72 -14.79
C TYR B 141 43.75 -22.44 -14.96
N PRO B 142 43.47 -23.01 -16.13
CA PRO B 142 42.30 -23.88 -16.25
C PRO B 142 42.56 -25.24 -15.66
N LEU B 143 41.49 -25.87 -15.18
CA LEU B 143 41.59 -27.19 -14.52
C LEU B 143 40.43 -28.04 -14.99
N ALA B 144 40.75 -29.14 -15.69
CA ALA B 144 39.78 -30.07 -16.24
C ALA B 144 40.09 -31.49 -15.78
N PRO B 145 39.08 -32.36 -15.67
CA PRO B 145 39.33 -33.74 -15.23
C PRO B 145 40.03 -34.57 -16.30
N GLY B 146 41.31 -34.33 -16.52
CA GLY B 146 42.10 -35.15 -17.42
C GLY B 146 42.19 -36.59 -16.97
N SER B 147 41.91 -37.52 -17.88
CA SER B 147 41.89 -38.96 -17.56
C SER B 147 40.96 -39.24 -16.39
N ALA B 148 39.75 -38.67 -16.47
CA ALA B 148 38.79 -38.79 -15.37
C ALA B 148 38.36 -40.24 -15.15
N ALA B 149 38.14 -40.97 -16.24
CA ALA B 149 37.62 -42.35 -16.23
C ALA B 149 36.24 -42.43 -15.58
N GLN B 150 35.53 -41.32 -15.48
CA GLN B 150 34.18 -41.30 -14.92
C GLN B 150 33.46 -40.10 -15.52
N THR B 151 32.52 -40.36 -16.42
CA THR B 151 31.92 -39.31 -17.25
C THR B 151 30.41 -39.35 -17.15
N ASN B 152 29.90 -39.36 -15.92
CA ASN B 152 28.47 -39.16 -15.71
C ASN B 152 28.07 -37.77 -16.20
N SER B 153 26.77 -37.58 -16.43
CA SER B 153 26.32 -36.32 -17.01
C SER B 153 26.23 -35.23 -15.95
N MET B 154 27.28 -35.13 -15.13
CA MET B 154 27.53 -34.00 -14.23
C MET B 154 29.04 -33.99 -14.00
N VAL B 155 29.75 -33.14 -14.76
CA VAL B 155 31.20 -33.05 -14.70
C VAL B 155 31.59 -31.63 -14.34
N THR B 156 32.60 -31.51 -13.47
CA THR B 156 33.02 -30.22 -12.93
C THR B 156 34.33 -29.79 -13.60
N LEU B 157 34.41 -28.50 -13.92
CA LEU B 157 35.64 -27.92 -14.43
C LEU B 157 35.82 -26.53 -13.81
N GLY B 158 37.07 -26.13 -13.59
CA GLY B 158 37.36 -24.96 -12.79
C GLY B 158 38.42 -24.07 -13.42
N CYS B 159 38.55 -22.88 -12.85
CA CYS B 159 39.53 -21.90 -13.27
C CYS B 159 40.09 -21.26 -12.01
N LEU B 160 41.41 -21.37 -11.82
CA LEU B 160 42.07 -20.95 -10.59
C LEU B 160 42.89 -19.69 -10.85
N VAL B 161 42.71 -18.69 -9.98
CA VAL B 161 43.47 -17.44 -10.04
C VAL B 161 44.36 -17.42 -8.81
N LYS B 162 45.67 -17.36 -9.03
CA LYS B 162 46.66 -17.46 -7.97
C LYS B 162 47.62 -16.29 -8.04
N GLY B 163 47.97 -15.75 -6.87
CA GLY B 163 48.97 -14.71 -6.75
C GLY B 163 48.63 -13.41 -7.44
N TYR B 164 47.63 -12.71 -6.92
CA TYR B 164 47.25 -11.40 -7.45
C TYR B 164 47.06 -10.43 -6.28
N PHE B 165 47.16 -9.13 -6.61
CA PHE B 165 47.01 -8.06 -5.63
C PHE B 165 46.77 -6.74 -6.35
N PRO B 166 45.85 -5.90 -5.86
CA PRO B 166 44.98 -6.16 -4.72
C PRO B 166 43.59 -6.66 -5.13
N GLU B 167 42.69 -6.73 -4.16
CA GLU B 167 41.30 -7.07 -4.40
C GLU B 167 40.58 -5.92 -5.09
N PRO B 168 39.50 -6.20 -5.84
CA PRO B 168 38.98 -7.54 -6.16
C PRO B 168 39.21 -7.95 -7.61
N VAL B 169 38.81 -9.17 -7.95
CA VAL B 169 38.83 -9.66 -9.31
C VAL B 169 37.45 -10.24 -9.65
N THR B 170 37.13 -10.25 -10.94
CA THR B 170 35.87 -10.79 -11.42
C THR B 170 36.16 -11.97 -12.34
N VAL B 171 35.61 -13.13 -12.00
CA VAL B 171 35.80 -14.35 -12.78
C VAL B 171 34.43 -14.77 -13.30
N THR B 172 34.28 -14.81 -14.61
CA THR B 172 33.06 -15.24 -15.26
C THR B 172 33.36 -16.36 -16.24
N TRP B 173 32.30 -16.93 -16.80
CA TRP B 173 32.42 -18.06 -17.72
C TRP B 173 31.73 -17.73 -19.04
N ASN B 174 32.51 -17.76 -20.13
CA ASN B 174 32.00 -17.51 -21.48
C ASN B 174 31.26 -16.18 -21.56
N SER B 175 31.89 -15.15 -21.00
CA SER B 175 31.35 -13.78 -21.02
C SER B 175 29.97 -13.71 -20.38
N GLY B 176 29.77 -14.47 -19.31
CA GLY B 176 28.53 -14.42 -18.56
C GLY B 176 27.36 -15.16 -19.18
N SER B 177 27.60 -15.94 -20.24
CA SER B 177 26.50 -16.69 -20.86
C SER B 177 25.94 -17.74 -19.91
N LEU B 178 26.81 -18.40 -19.15
CA LEU B 178 26.41 -19.43 -18.20
C LEU B 178 26.33 -18.81 -16.81
N SER B 179 25.13 -18.86 -16.21
CA SER B 179 24.91 -18.32 -14.88
C SER B 179 24.49 -19.35 -13.85
N SER B 180 24.00 -20.52 -14.27
CA SER B 180 23.58 -21.57 -13.35
C SER B 180 24.73 -22.54 -13.11
N GLY B 181 24.82 -23.03 -11.87
CA GLY B 181 25.86 -23.97 -11.51
C GLY B 181 27.24 -23.37 -11.35
N VAL B 182 27.32 -22.06 -11.12
CA VAL B 182 28.59 -21.37 -10.94
C VAL B 182 28.89 -21.26 -9.46
N HIS B 183 30.17 -21.30 -9.12
CA HIS B 183 30.59 -21.14 -7.72
C HIS B 183 31.95 -20.43 -7.71
N THR B 184 31.95 -19.18 -7.26
CA THR B 184 33.17 -18.39 -7.14
C THR B 184 33.54 -18.31 -5.67
N PHE B 185 34.58 -19.05 -5.28
CA PHE B 185 34.94 -19.13 -3.88
C PHE B 185 35.66 -17.85 -3.43
N PRO B 186 35.48 -17.43 -2.18
CA PRO B 186 36.14 -16.22 -1.70
C PRO B 186 37.65 -16.36 -1.70
N ALA B 187 38.33 -15.24 -1.95
CA ALA B 187 39.78 -15.22 -1.97
C ALA B 187 40.34 -15.38 -0.57
N VAL B 188 41.55 -15.95 -0.49
CA VAL B 188 42.26 -16.12 0.77
C VAL B 188 43.68 -15.60 0.60
N LEU B 189 44.21 -14.98 1.66
CA LEU B 189 45.52 -14.36 1.62
C LEU B 189 46.62 -15.35 2.01
N GLN B 190 47.75 -15.24 1.32
CA GLN B 190 48.93 -16.07 1.60
C GLN B 190 50.13 -15.36 1.01
N SER B 191 51.15 -15.11 1.84
CA SER B 191 52.37 -14.43 1.41
C SER B 191 52.06 -13.10 0.73
N ASP B 192 51.10 -12.37 1.31
CA ASP B 192 50.66 -11.07 0.79
C ASP B 192 50.17 -11.20 -0.65
N LEU B 193 49.47 -12.30 -0.94
CA LEU B 193 48.90 -12.52 -2.26
C LEU B 193 47.57 -13.25 -2.09
N TYR B 194 46.53 -12.74 -2.75
CA TYR B 194 45.22 -13.37 -2.67
C TYR B 194 45.07 -14.45 -3.73
N THR B 195 44.34 -15.50 -3.38
CA THR B 195 44.02 -16.59 -4.28
C THR B 195 42.51 -16.81 -4.31
N LEU B 196 42.01 -17.16 -5.50
CA LEU B 196 40.58 -17.34 -5.72
C LEU B 196 40.38 -18.47 -6.71
N SER B 197 39.19 -19.09 -6.66
CA SER B 197 38.86 -20.17 -7.57
C SER B 197 37.42 -20.03 -8.06
N SER B 198 37.17 -20.54 -9.26
CA SER B 198 35.82 -20.61 -9.80
C SER B 198 35.58 -22.01 -10.32
N SER B 199 34.34 -22.48 -10.18
CA SER B 199 34.00 -23.85 -10.53
C SER B 199 32.62 -23.88 -11.17
N VAL B 200 32.46 -24.72 -12.21
CA VAL B 200 31.18 -24.91 -12.87
C VAL B 200 30.97 -26.39 -13.14
N THR B 201 29.77 -26.87 -12.84
CA THR B 201 29.38 -28.25 -13.10
C THR B 201 28.38 -28.25 -14.25
N VAL B 202 28.73 -28.93 -15.34
CA VAL B 202 27.89 -28.99 -16.53
C VAL B 202 27.75 -30.45 -16.95
N PRO B 203 26.66 -30.83 -17.62
CA PRO B 203 26.49 -32.25 -18.00
C PRO B 203 27.47 -32.65 -19.09
N SER B 204 27.59 -33.97 -19.26
CA SER B 204 28.48 -34.50 -20.29
C SER B 204 28.02 -34.15 -21.69
N SER B 205 26.74 -33.80 -21.86
CA SER B 205 26.24 -33.36 -23.16
C SER B 205 26.80 -32.00 -23.56
N THR B 206 27.44 -31.28 -22.65
CA THR B 206 28.05 -29.99 -22.93
C THR B 206 29.55 -30.09 -23.19
N TRP B 207 30.28 -30.72 -22.27
CA TRP B 207 31.72 -30.89 -22.40
C TRP B 207 32.03 -32.10 -23.26
N PRO B 208 32.90 -31.97 -24.27
CA PRO B 208 33.52 -30.70 -24.69
C PRO B 208 32.88 -30.11 -25.94
N SER B 209 31.59 -30.40 -26.15
CA SER B 209 30.93 -30.01 -27.40
C SER B 209 30.87 -28.49 -27.54
N GLU B 210 30.52 -27.78 -26.48
CA GLU B 210 30.46 -26.32 -26.51
C GLU B 210 31.70 -25.73 -25.85
N THR B 211 32.15 -24.60 -26.40
CA THR B 211 33.35 -23.94 -25.90
C THR B 211 33.13 -23.40 -24.50
N VAL B 212 34.09 -23.68 -23.60
CA VAL B 212 34.08 -23.16 -22.24
C VAL B 212 35.37 -22.38 -22.02
N THR B 213 35.24 -21.14 -21.55
CA THR B 213 36.37 -20.26 -21.35
C THR B 213 36.14 -19.43 -20.10
N CYS B 214 37.14 -19.37 -19.22
CA CYS B 214 37.04 -18.56 -18.02
C CYS B 214 37.69 -17.20 -18.26
N ASN B 215 36.97 -16.14 -17.90
CA ASN B 215 37.43 -14.77 -18.10
C ASN B 215 37.71 -14.16 -16.74
N VAL B 216 38.95 -13.72 -16.52
CA VAL B 216 39.37 -13.15 -15.26
C VAL B 216 39.78 -11.70 -15.50
N ALA B 217 39.12 -10.78 -14.81
CA ALA B 217 39.37 -9.35 -14.97
C ALA B 217 39.81 -8.77 -13.63
N HIS B 218 40.97 -8.10 -13.63
CA HIS B 218 41.48 -7.39 -12.47
C HIS B 218 41.68 -5.93 -12.87
N PRO B 219 40.81 -5.02 -12.43
CA PRO B 219 40.94 -3.62 -12.86
C PRO B 219 42.10 -2.89 -12.23
N ALA B 220 42.53 -3.29 -11.03
CA ALA B 220 43.67 -2.64 -10.39
C ALA B 220 44.94 -2.81 -11.21
N SER B 221 45.16 -4.01 -11.74
CA SER B 221 46.25 -4.26 -12.66
C SER B 221 45.86 -3.97 -14.11
N SER B 222 44.61 -3.57 -14.35
CA SER B 222 44.11 -3.27 -15.69
C SER B 222 44.35 -4.44 -16.64
N THR B 223 44.01 -5.64 -16.19
CA THR B 223 44.20 -6.85 -16.98
C THR B 223 42.87 -7.57 -17.15
N LYS B 224 42.71 -8.20 -18.32
CA LYS B 224 41.50 -8.97 -18.63
C LYS B 224 41.95 -10.17 -19.47
N VAL B 225 42.13 -11.31 -18.80
CA VAL B 225 42.64 -12.51 -19.45
C VAL B 225 41.49 -13.46 -19.72
N ASP B 226 41.61 -14.23 -20.81
CA ASP B 226 40.63 -15.23 -21.19
C ASP B 226 41.37 -16.54 -21.41
N LYS B 227 40.95 -17.59 -20.70
CA LYS B 227 41.61 -18.89 -20.79
C LYS B 227 40.62 -19.94 -21.23
N LYS B 228 40.91 -20.60 -22.34
CA LYS B 228 40.10 -21.72 -22.83
C LYS B 228 40.59 -23.01 -22.17
N ILE B 229 39.65 -23.72 -21.55
CA ILE B 229 39.98 -24.97 -20.88
C ILE B 229 39.96 -26.11 -21.90
N VAL B 230 40.95 -26.99 -21.82
CA VAL B 230 41.12 -28.07 -22.77
C VAL B 230 41.51 -29.35 -22.02
N PRO B 231 40.98 -30.51 -22.41
CA PRO B 231 41.42 -31.76 -21.78
C PRO B 231 42.89 -32.03 -22.07
N ARG B 232 43.56 -32.66 -21.11
CA ARG B 232 44.97 -33.00 -21.24
C ARG B 232 45.15 -34.43 -21.73
N ASP C 21 -30.21 15.84 -13.64
CA ASP C 21 -30.20 14.40 -13.92
C ASP C 21 -29.21 14.09 -15.04
N ILE C 22 -28.26 13.20 -14.75
CA ILE C 22 -27.19 12.83 -15.68
C ILE C 22 -27.42 11.38 -16.11
N VAL C 23 -27.39 11.14 -17.42
CA VAL C 23 -27.63 9.82 -17.98
C VAL C 23 -26.29 9.18 -18.32
N MET C 24 -26.11 7.93 -17.88
CA MET C 24 -24.89 7.18 -18.12
C MET C 24 -25.16 6.07 -19.11
N THR C 25 -24.36 6.02 -20.17
CA THR C 25 -24.49 4.99 -21.20
C THR C 25 -23.23 4.13 -21.20
N GLN C 26 -23.41 2.83 -21.07
CA GLN C 26 -22.30 1.88 -21.05
C GLN C 26 -22.27 1.08 -22.34
N SER C 27 -21.09 1.00 -22.96
CA SER C 27 -20.88 0.19 -24.15
C SER C 27 -19.69 -0.73 -23.92
N PRO C 28 -19.80 -2.00 -24.30
CA PRO C 28 -20.96 -2.68 -24.90
C PRO C 28 -21.99 -3.10 -23.88
N ALA C 29 -23.18 -3.52 -24.32
CA ALA C 29 -24.18 -4.03 -23.39
C ALA C 29 -23.71 -5.31 -22.72
N SER C 30 -23.02 -6.17 -23.46
CA SER C 30 -22.40 -7.37 -22.91
C SER C 30 -21.00 -7.50 -23.47
N LEU C 31 -20.06 -7.91 -22.62
CA LEU C 31 -18.66 -8.02 -22.99
C LEU C 31 -18.21 -9.47 -22.84
N ALA C 32 -17.48 -9.96 -23.84
CA ALA C 32 -17.00 -11.34 -23.86
C ALA C 32 -15.52 -11.33 -24.20
N VAL C 33 -14.67 -11.58 -23.21
CA VAL C 33 -13.23 -11.66 -23.40
C VAL C 33 -12.73 -12.95 -22.77
N SER C 34 -11.56 -13.39 -23.22
CA SER C 34 -10.93 -14.59 -22.70
C SER C 34 -10.01 -14.24 -21.54
N LEU C 35 -9.55 -15.29 -20.84
CA LEU C 35 -8.70 -15.10 -19.67
C LEU C 35 -7.35 -14.53 -20.07
N GLY C 36 -6.86 -13.59 -19.27
CA GLY C 36 -5.57 -12.98 -19.49
C GLY C 36 -5.55 -11.82 -20.45
N GLN C 37 -6.68 -11.49 -21.06
CA GLN C 37 -6.74 -10.37 -22.00
C GLN C 37 -7.14 -9.10 -21.26
N ARG C 38 -7.41 -8.04 -22.01
CA ARG C 38 -7.85 -6.77 -21.44
C ARG C 38 -9.30 -6.52 -21.82
N ALA C 39 -10.13 -6.27 -20.81
CA ALA C 39 -11.55 -6.01 -21.01
C ALA C 39 -11.80 -4.51 -20.89
N THR C 40 -12.31 -3.91 -21.96
CA THR C 40 -12.56 -2.47 -22.00
C THR C 40 -14.06 -2.22 -21.84
N ILE C 41 -14.41 -1.47 -20.80
CA ILE C 41 -15.80 -1.12 -20.51
C ILE C 41 -15.91 0.40 -20.53
N SER C 42 -16.82 0.91 -21.33
CA SER C 42 -16.99 2.35 -21.51
C SER C 42 -18.19 2.86 -20.69
N CYS C 43 -18.17 4.16 -20.42
CA CYS C 43 -19.25 4.81 -19.67
C CYS C 43 -19.26 6.28 -20.08
N LYS C 44 -20.17 6.65 -20.97
CA LYS C 44 -20.23 8.00 -21.53
C LYS C 44 -21.31 8.78 -20.80
N ALA C 45 -20.89 9.73 -19.96
CA ALA C 45 -21.83 10.59 -19.27
C ALA C 45 -22.46 11.58 -20.24
N SER C 46 -23.77 11.83 -20.05
CA SER C 46 -24.46 12.79 -20.91
C SER C 46 -23.93 14.20 -20.70
N GLN C 47 -23.66 14.58 -19.45
CA GLN C 47 -23.10 15.88 -19.13
C GLN C 47 -21.74 15.70 -18.47
N SER C 48 -20.90 16.71 -18.60
CA SER C 48 -19.58 16.67 -17.97
C SER C 48 -19.72 16.76 -16.45
N ILE C 49 -19.08 15.83 -15.75
CA ILE C 49 -19.12 15.80 -14.30
C ILE C 49 -17.84 16.37 -13.68
N ASP C 50 -17.14 17.23 -14.41
CA ASP C 50 -15.93 17.87 -13.91
C ASP C 50 -16.29 18.84 -12.80
N TYR C 51 -16.07 18.44 -11.56
CA TYR C 51 -16.20 19.32 -10.40
C TYR C 51 -14.81 19.62 -9.87
N ASP C 52 -14.45 20.91 -9.84
CA ASP C 52 -13.12 21.37 -9.44
C ASP C 52 -12.03 20.68 -10.26
N GLY C 53 -12.32 20.48 -11.55
CA GLY C 53 -11.39 19.82 -12.44
C GLY C 53 -11.27 18.32 -12.26
N ASP C 54 -12.16 17.71 -11.49
CA ASP C 54 -12.09 16.29 -11.20
C ASP C 54 -13.44 15.63 -11.44
N ASN C 55 -13.41 14.37 -11.87
CA ASN C 55 -14.60 13.58 -12.11
C ASN C 55 -14.75 12.54 -11.01
N TYR C 56 -15.97 12.38 -10.51
CA TYR C 56 -16.27 11.43 -9.45
C TYR C 56 -17.07 10.28 -10.07
N MET C 57 -16.34 9.30 -10.59
CA MET C 57 -16.93 8.14 -11.23
C MET C 57 -16.69 6.92 -10.37
N ASN C 58 -17.77 6.21 -10.02
CA ASN C 58 -17.69 5.02 -9.21
C ASN C 58 -17.99 3.79 -10.07
N TRP C 59 -17.11 2.81 -10.01
CA TRP C 59 -17.27 1.55 -10.74
C TRP C 59 -17.57 0.44 -9.74
N TYR C 60 -18.67 -0.26 -9.96
CA TYR C 60 -19.11 -1.34 -9.08
C TYR C 60 -19.06 -2.67 -9.80
N GLN C 61 -18.94 -3.74 -9.02
CA GLN C 61 -19.00 -5.11 -9.53
C GLN C 61 -20.05 -5.86 -8.74
N GLN C 62 -21.00 -6.48 -9.45
CA GLN C 62 -22.10 -7.20 -8.82
C GLN C 62 -22.20 -8.60 -9.42
N LYS C 63 -21.69 -9.59 -8.69
CA LYS C 63 -21.95 -10.97 -9.04
C LYS C 63 -23.41 -11.29 -8.73
N PRO C 64 -24.00 -12.26 -9.43
CA PRO C 64 -25.41 -12.61 -9.16
C PRO C 64 -25.60 -13.12 -7.73
N GLY C 65 -26.67 -12.65 -7.11
CA GLY C 65 -26.97 -13.00 -5.73
C GLY C 65 -26.20 -12.23 -4.68
N GLN C 66 -25.43 -11.22 -5.08
CA GLN C 66 -24.60 -10.46 -4.16
C GLN C 66 -24.82 -8.96 -4.39
N PRO C 67 -24.61 -8.14 -3.36
CA PRO C 67 -24.68 -6.70 -3.54
C PRO C 67 -23.50 -6.19 -4.34
N PRO C 68 -23.62 -5.02 -4.96
CA PRO C 68 -22.49 -4.48 -5.74
C PRO C 68 -21.27 -4.24 -4.87
N LYS C 69 -20.10 -4.49 -5.44
CA LYS C 69 -18.83 -4.30 -4.76
C LYS C 69 -18.10 -3.14 -5.43
N LEU C 70 -17.74 -2.13 -4.65
CA LEU C 70 -17.08 -0.96 -5.19
C LEU C 70 -15.67 -1.31 -5.61
N LEU C 71 -15.34 -1.04 -6.87
CA LEU C 71 -14.00 -1.27 -7.41
C LEU C 71 -13.20 0.02 -7.45
N ILE C 72 -13.70 1.02 -8.16
CA ILE C 72 -12.98 2.26 -8.42
C ILE C 72 -13.88 3.42 -8.02
N TYR C 73 -13.34 4.38 -7.28
CA TYR C 73 -14.02 5.60 -6.95
C TYR C 73 -13.17 6.78 -7.38
N THR C 74 -13.81 7.91 -7.66
CA THR C 74 -13.18 9.13 -8.19
C THR C 74 -12.41 8.86 -9.47
N THR C 75 -12.93 7.95 -10.31
CA THR C 75 -12.51 7.67 -11.68
C THR C 75 -11.17 6.96 -11.79
N SER C 76 -10.34 7.00 -10.75
CA SER C 76 -9.09 6.27 -10.88
C SER C 76 -8.73 5.51 -9.60
N ASN C 77 -9.22 5.95 -8.46
CA ASN C 77 -8.75 5.42 -7.19
C ASN C 77 -9.34 4.04 -6.95
N LEU C 78 -8.47 3.05 -6.79
CA LEU C 78 -8.92 1.68 -6.57
C LEU C 78 -9.29 1.47 -5.11
N GLU C 79 -10.39 0.75 -4.89
CA GLU C 79 -10.85 0.46 -3.54
C GLU C 79 -9.91 -0.53 -2.85
N SER C 80 -9.80 -0.38 -1.53
CA SER C 80 -8.92 -1.24 -0.75
C SER C 80 -9.40 -2.68 -0.80
N GLY C 81 -8.47 -3.61 -1.02
CA GLY C 81 -8.77 -5.01 -1.14
C GLY C 81 -9.09 -5.47 -2.55
N ILE C 82 -9.40 -4.56 -3.45
CA ILE C 82 -9.66 -4.90 -4.85
C ILE C 82 -8.33 -5.23 -5.53
N PRO C 83 -8.25 -6.31 -6.31
CA PRO C 83 -7.00 -6.62 -7.01
C PRO C 83 -6.58 -5.51 -7.95
N ALA C 84 -5.27 -5.32 -8.09
CA ALA C 84 -4.73 -4.21 -8.87
C ALA C 84 -4.73 -4.52 -10.36
N ARG C 85 -5.89 -4.91 -10.88
CA ARG C 85 -6.06 -5.11 -12.32
C ARG C 85 -7.22 -4.32 -12.90
N PHE C 86 -8.03 -3.68 -12.05
CA PHE C 86 -9.10 -2.80 -12.51
C PHE C 86 -8.56 -1.37 -12.54
N SER C 87 -8.60 -0.73 -13.70
CA SER C 87 -8.11 0.62 -13.87
C SER C 87 -9.16 1.47 -14.54
N GLY C 88 -9.37 2.67 -14.01
CA GLY C 88 -10.33 3.62 -14.54
C GLY C 88 -9.62 4.77 -15.22
N SER C 89 -10.08 5.09 -16.43
CA SER C 89 -9.48 6.12 -17.26
C SER C 89 -10.54 7.11 -17.71
N GLY C 90 -10.12 8.08 -18.51
CA GLY C 90 -11.04 9.02 -19.11
C GLY C 90 -11.37 10.19 -18.19
N SER C 91 -11.75 11.30 -18.80
CA SER C 91 -12.16 12.49 -18.08
C SER C 91 -13.12 13.27 -18.97
N GLY C 92 -13.93 14.13 -18.34
CA GLY C 92 -14.93 14.87 -19.06
C GLY C 92 -16.24 14.12 -19.17
N THR C 93 -16.45 13.47 -20.31
CA THR C 93 -17.64 12.67 -20.54
C THR C 93 -17.36 11.20 -20.79
N ASP C 94 -16.22 10.86 -21.37
CA ASP C 94 -15.88 9.47 -21.67
C ASP C 94 -15.11 8.87 -20.50
N PHE C 95 -15.56 7.70 -20.04
CA PHE C 95 -14.93 7.01 -18.92
C PHE C 95 -14.77 5.54 -19.28
N THR C 96 -13.63 4.96 -18.90
CA THR C 96 -13.27 3.62 -19.32
C THR C 96 -12.83 2.79 -18.11
N LEU C 97 -13.35 1.57 -18.01
CA LEU C 97 -12.91 0.59 -17.03
C LEU C 97 -12.13 -0.50 -17.75
N ASN C 98 -10.89 -0.73 -17.34
CA ASN C 98 -10.03 -1.72 -17.97
C ASN C 98 -9.67 -2.79 -16.95
N ILE C 99 -9.88 -4.05 -17.33
CA ILE C 99 -9.57 -5.20 -16.50
C ILE C 99 -8.49 -5.99 -17.22
N HIS C 100 -7.29 -6.04 -16.63
CA HIS C 100 -6.18 -6.77 -17.24
C HIS C 100 -5.17 -7.19 -16.18
N PRO C 101 -4.86 -8.48 -16.05
CA PRO C 101 -5.41 -9.61 -16.81
C PRO C 101 -6.76 -10.07 -16.28
N VAL C 102 -7.62 -10.59 -17.15
CA VAL C 102 -8.93 -11.07 -16.74
C VAL C 102 -8.81 -12.50 -16.20
N GLU C 103 -9.31 -12.73 -15.00
CA GLU C 103 -9.29 -14.05 -14.39
C GLU C 103 -10.67 -14.69 -14.46
N GLU C 104 -10.79 -15.87 -13.86
CA GLU C 104 -12.04 -16.62 -13.91
C GLU C 104 -13.14 -15.96 -13.08
N GLY C 105 -12.77 -15.33 -11.97
CA GLY C 105 -13.73 -14.74 -11.05
C GLY C 105 -14.23 -13.37 -11.41
N ASP C 106 -13.83 -12.82 -12.56
CA ASP C 106 -14.25 -11.49 -12.98
C ASP C 106 -15.54 -11.51 -13.77
N ALA C 107 -16.17 -12.67 -13.95
CA ALA C 107 -17.43 -12.78 -14.68
C ALA C 107 -18.55 -12.23 -13.80
N ALA C 108 -18.88 -10.96 -13.99
CA ALA C 108 -19.92 -10.30 -13.22
C ALA C 108 -20.48 -9.15 -14.04
N THR C 109 -21.28 -8.29 -13.40
CA THR C 109 -21.84 -7.12 -14.03
C THR C 109 -21.19 -5.87 -13.45
N TYR C 110 -20.76 -4.96 -14.33
CA TYR C 110 -20.00 -3.78 -13.94
C TYR C 110 -20.83 -2.53 -14.21
N TYR C 111 -21.01 -1.71 -13.18
CA TYR C 111 -21.82 -0.51 -13.26
C TYR C 111 -20.94 0.71 -13.03
N CYS C 112 -21.30 1.82 -13.69
CA CYS C 112 -20.65 3.10 -13.48
C CYS C 112 -21.66 4.09 -12.90
N GLN C 113 -21.25 4.81 -11.85
CA GLN C 113 -22.12 5.76 -11.17
C GLN C 113 -21.42 7.10 -11.08
N GLN C 114 -22.11 8.16 -11.49
CA GLN C 114 -21.57 9.51 -11.36
C GLN C 114 -21.86 10.01 -9.95
N ASN C 115 -20.81 10.20 -9.17
CA ASN C 115 -20.95 10.71 -7.80
C ASN C 115 -20.74 12.21 -7.75
N ASN C 116 -21.44 12.95 -8.60
CA ASN C 116 -21.24 14.39 -8.69
C ASN C 116 -22.49 15.18 -8.34
N GLU C 117 -23.62 14.89 -8.98
CA GLU C 117 -24.84 15.65 -8.79
C GLU C 117 -25.97 14.71 -8.43
N ASP C 118 -26.91 15.21 -7.65
CA ASP C 118 -28.11 14.43 -7.32
C ASP C 118 -29.01 14.34 -8.54
N PRO C 119 -29.51 13.15 -8.88
CA PRO C 119 -29.25 11.84 -8.26
C PRO C 119 -27.97 11.20 -8.77
N TYR C 120 -27.30 10.39 -7.96
CA TYR C 120 -26.08 9.71 -8.38
C TYR C 120 -26.48 8.51 -9.24
N THR C 121 -26.77 8.81 -10.50
CA THR C 121 -27.30 7.81 -11.41
C THR C 121 -26.26 6.75 -11.75
N PHE C 122 -26.71 5.50 -11.81
CA PHE C 122 -25.87 4.39 -12.21
C PHE C 122 -25.91 4.20 -13.72
N GLY C 123 -24.93 3.45 -14.22
CA GLY C 123 -24.91 3.09 -15.62
C GLY C 123 -25.82 1.91 -15.92
N GLY C 124 -25.95 1.61 -17.20
CA GLY C 124 -26.77 0.48 -17.61
C GLY C 124 -26.20 -0.85 -17.19
N GLY C 125 -24.89 -0.93 -17.02
CA GLY C 125 -24.25 -2.17 -16.61
C GLY C 125 -23.99 -3.13 -17.75
N THR C 126 -22.84 -3.78 -17.73
CA THR C 126 -22.47 -4.75 -18.75
C THR C 126 -22.11 -6.07 -18.09
N LYS C 127 -22.59 -7.17 -18.66
CA LYS C 127 -22.37 -8.50 -18.11
C LYS C 127 -21.11 -9.07 -18.77
N LEU C 128 -20.00 -9.06 -18.03
CA LEU C 128 -18.75 -9.59 -18.55
C LEU C 128 -18.81 -11.11 -18.61
N GLU C 129 -18.43 -11.67 -19.75
CA GLU C 129 -18.46 -13.11 -19.98
C GLU C 129 -17.05 -13.61 -20.26
N ILE C 130 -16.66 -14.69 -19.60
CA ILE C 130 -15.35 -15.29 -19.81
C ILE C 130 -15.41 -16.19 -21.04
N LYS C 131 -14.47 -15.99 -21.97
CA LYS C 131 -14.39 -16.86 -23.18
C LYS C 131 -13.54 -18.08 -22.83
N ARG C 132 -14.17 -19.25 -22.70
CA ARG C 132 -13.44 -20.49 -22.29
C ARG C 132 -13.54 -21.51 -23.44
N ALA C 133 -12.63 -22.50 -23.47
CA ALA C 133 -12.73 -23.53 -24.49
C ALA C 133 -14.13 -24.13 -24.53
N ASP C 134 -14.59 -24.45 -25.74
CA ASP C 134 -15.91 -25.04 -25.90
C ASP C 134 -15.97 -26.43 -25.29
N ALA C 135 -17.12 -26.77 -24.73
CA ALA C 135 -17.32 -28.05 -24.09
C ALA C 135 -18.67 -28.62 -24.50
N ALA C 136 -18.79 -29.94 -24.38
CA ALA C 136 -20.03 -30.63 -24.71
C ALA C 136 -20.99 -30.61 -23.52
N PRO C 137 -22.29 -30.41 -23.78
CA PRO C 137 -23.24 -30.34 -22.67
C PRO C 137 -23.51 -31.72 -22.08
N THR C 138 -23.38 -31.82 -20.76
CA THR C 138 -23.82 -33.02 -20.06
C THR C 138 -25.34 -33.04 -20.00
N VAL C 139 -25.95 -34.04 -20.62
CA VAL C 139 -27.39 -34.10 -20.82
C VAL C 139 -27.98 -35.12 -19.87
N SER C 140 -29.08 -34.76 -19.22
CA SER C 140 -29.77 -35.68 -18.32
C SER C 140 -31.27 -35.47 -18.46
N ILE C 141 -32.04 -36.58 -18.45
CA ILE C 141 -33.48 -36.54 -18.64
C ILE C 141 -34.17 -37.08 -17.39
N PHE C 142 -35.13 -36.31 -16.88
CA PHE C 142 -35.92 -36.67 -15.70
C PHE C 142 -37.39 -36.80 -16.08
N PRO C 143 -37.97 -38.00 -15.97
CA PRO C 143 -39.42 -38.14 -16.12
C PRO C 143 -40.15 -37.50 -14.94
N PRO C 144 -41.42 -37.16 -15.11
CA PRO C 144 -42.17 -36.57 -13.99
C PRO C 144 -42.25 -37.53 -12.81
N SER C 145 -42.18 -36.96 -11.60
CA SER C 145 -42.19 -37.76 -10.38
C SER C 145 -43.56 -38.37 -10.15
N SER C 146 -43.58 -39.51 -9.46
CA SER C 146 -44.84 -40.19 -9.15
C SER C 146 -45.71 -39.35 -8.22
N GLU C 147 -45.08 -38.67 -7.26
CA GLU C 147 -45.85 -37.82 -6.35
C GLU C 147 -46.53 -36.69 -7.09
N GLN C 148 -45.81 -36.05 -8.03
CA GLN C 148 -46.44 -35.03 -8.86
C GLN C 148 -47.43 -35.63 -9.85
N LEU C 149 -47.17 -36.85 -10.33
CA LEU C 149 -48.07 -37.48 -11.28
C LEU C 149 -49.45 -37.70 -10.68
N THR C 150 -49.51 -38.22 -9.45
CA THR C 150 -50.80 -38.42 -8.78
C THR C 150 -51.46 -37.11 -8.37
N SER C 151 -50.73 -36.00 -8.38
CA SER C 151 -51.30 -34.72 -8.00
C SER C 151 -52.23 -34.14 -9.05
N GLY C 152 -52.09 -34.56 -10.31
CA GLY C 152 -52.97 -34.07 -11.36
C GLY C 152 -52.25 -33.58 -12.60
N GLY C 153 -50.92 -33.48 -12.54
CA GLY C 153 -50.15 -33.02 -13.66
C GLY C 153 -48.82 -33.74 -13.80
N ALA C 154 -47.98 -33.29 -14.75
CA ALA C 154 -46.69 -33.90 -14.95
C ALA C 154 -45.75 -32.87 -15.57
N SER C 155 -44.45 -33.10 -15.37
CA SER C 155 -43.43 -32.18 -15.89
C SER C 155 -42.16 -32.97 -16.13
N VAL C 156 -41.75 -33.06 -17.40
CA VAL C 156 -40.52 -33.74 -17.78
C VAL C 156 -39.41 -32.71 -17.94
N VAL C 157 -38.24 -33.01 -17.38
CA VAL C 157 -37.17 -32.03 -17.26
C VAL C 157 -35.93 -32.53 -17.98
N CYS C 158 -35.20 -31.61 -18.60
CA CYS C 158 -33.95 -31.91 -19.29
C CYS C 158 -32.89 -30.94 -18.79
N PHE C 159 -31.81 -31.48 -18.24
CA PHE C 159 -30.72 -30.68 -17.69
C PHE C 159 -29.49 -30.74 -18.60
N LEU C 160 -28.95 -29.57 -18.92
CA LEU C 160 -27.68 -29.42 -19.61
C LEU C 160 -26.71 -28.80 -18.62
N ASN C 161 -25.56 -29.43 -18.42
CA ASN C 161 -24.55 -28.94 -17.48
C ASN C 161 -23.22 -28.75 -18.18
N ASN C 162 -22.51 -27.67 -17.82
CA ASN C 162 -21.13 -27.46 -18.23
C ASN C 162 -20.98 -27.43 -19.75
N PHE C 163 -21.66 -26.45 -20.35
CA PHE C 163 -21.65 -26.26 -21.79
C PHE C 163 -21.27 -24.82 -22.11
N TYR C 164 -20.71 -24.64 -23.30
CA TYR C 164 -20.26 -23.33 -23.76
C TYR C 164 -20.26 -23.35 -25.28
N PRO C 165 -20.69 -22.27 -25.96
CA PRO C 165 -21.18 -21.02 -25.38
C PRO C 165 -22.62 -21.09 -24.86
N LYS C 166 -23.17 -19.93 -24.49
CA LYS C 166 -24.51 -19.89 -23.91
C LYS C 166 -25.59 -20.20 -24.94
N ASP C 167 -25.39 -19.80 -26.19
CA ASP C 167 -26.42 -19.99 -27.21
C ASP C 167 -26.61 -21.47 -27.51
N ILE C 168 -27.84 -21.95 -27.32
CA ILE C 168 -28.18 -23.35 -27.56
C ILE C 168 -29.69 -23.46 -27.62
N ASN C 169 -30.19 -24.43 -28.40
CA ASN C 169 -31.61 -24.65 -28.56
C ASN C 169 -31.93 -26.10 -28.23
N VAL C 170 -32.87 -26.31 -27.31
CA VAL C 170 -33.28 -27.65 -26.89
C VAL C 170 -34.73 -27.85 -27.29
N LYS C 171 -35.01 -29.04 -27.84
CA LYS C 171 -36.35 -29.35 -28.32
C LYS C 171 -36.85 -30.63 -27.66
N TRP C 172 -38.18 -30.70 -27.52
CA TRP C 172 -38.87 -31.85 -26.97
C TRP C 172 -39.65 -32.55 -28.07
N LYS C 173 -39.66 -33.88 -28.01
CA LYS C 173 -40.25 -34.74 -29.02
C LYS C 173 -41.27 -35.65 -28.35
N ILE C 174 -42.51 -35.61 -28.86
CA ILE C 174 -43.63 -36.41 -28.37
C ILE C 174 -44.08 -37.31 -29.51
N ASP C 175 -43.94 -38.61 -29.32
CA ASP C 175 -44.50 -39.64 -30.20
C ASP C 175 -44.26 -39.32 -31.68
N GLY C 176 -43.05 -38.88 -31.99
CA GLY C 176 -42.66 -38.66 -33.37
C GLY C 176 -42.83 -37.25 -33.91
N SER C 177 -43.10 -36.26 -33.05
CA SER C 177 -43.23 -34.89 -33.51
C SER C 177 -42.73 -33.95 -32.43
N GLU C 178 -41.96 -32.94 -32.83
CA GLU C 178 -41.44 -31.99 -31.86
C GLU C 178 -42.53 -30.99 -31.46
N ARG C 179 -42.42 -30.49 -30.22
CA ARG C 179 -43.39 -29.58 -29.64
C ARG C 179 -42.66 -28.36 -29.11
N GLN C 180 -43.22 -27.18 -29.39
CA GLN C 180 -42.61 -25.91 -28.97
C GLN C 180 -43.35 -25.28 -27.80
N ASN C 181 -44.66 -25.14 -27.89
CA ASN C 181 -45.43 -24.52 -26.81
C ASN C 181 -45.44 -25.43 -25.59
N GLY C 182 -45.51 -24.82 -24.42
CA GLY C 182 -45.45 -25.55 -23.16
C GLY C 182 -44.05 -25.86 -22.69
N VAL C 183 -43.02 -25.30 -23.32
CA VAL C 183 -41.63 -25.54 -22.96
C VAL C 183 -41.07 -24.26 -22.35
N LEU C 184 -40.51 -24.38 -21.15
CA LEU C 184 -39.89 -23.23 -20.50
C LEU C 184 -38.42 -23.53 -20.23
N ASN C 185 -37.56 -22.56 -20.54
CA ASN C 185 -36.12 -22.71 -20.40
C ASN C 185 -35.61 -21.76 -19.33
N SER C 186 -34.66 -22.25 -18.54
CA SER C 186 -34.00 -21.44 -17.51
C SER C 186 -32.50 -21.54 -17.72
N TRP C 187 -31.84 -20.39 -17.88
CA TRP C 187 -30.40 -20.31 -18.06
C TRP C 187 -29.77 -19.83 -16.76
N THR C 188 -28.68 -20.48 -16.35
CA THR C 188 -27.92 -20.04 -15.20
C THR C 188 -26.83 -19.07 -15.64
N ASP C 189 -26.38 -18.25 -14.70
CA ASP C 189 -25.29 -17.32 -14.97
C ASP C 189 -23.97 -18.08 -15.13
N GLN C 190 -22.98 -17.40 -15.70
CA GLN C 190 -21.67 -18.01 -15.90
C GLN C 190 -21.03 -18.33 -14.57
N ASP C 191 -20.69 -19.60 -14.37
CA ASP C 191 -20.15 -20.04 -13.10
C ASP C 191 -18.74 -19.49 -12.88
N SER C 192 -18.41 -19.24 -11.61
CA SER C 192 -17.12 -18.70 -11.23
C SER C 192 -16.09 -19.79 -10.91
N LYS C 193 -16.31 -21.00 -11.41
CA LYS C 193 -15.37 -22.10 -11.18
C LYS C 193 -14.89 -22.74 -12.47
N ASP C 194 -15.74 -22.83 -13.49
CA ASP C 194 -15.36 -23.42 -14.77
C ASP C 194 -15.76 -22.57 -15.97
N SER C 195 -16.43 -21.43 -15.75
CA SER C 195 -16.86 -20.53 -16.83
C SER C 195 -17.72 -21.27 -17.85
N THR C 196 -18.61 -22.13 -17.37
CA THR C 196 -19.52 -22.87 -18.22
C THR C 196 -20.95 -22.68 -17.71
N TYR C 197 -21.90 -22.87 -18.62
CA TYR C 197 -23.30 -22.58 -18.33
C TYR C 197 -24.09 -23.87 -18.06
N SER C 198 -25.31 -23.69 -17.56
CA SER C 198 -26.24 -24.78 -17.35
C SER C 198 -27.63 -24.31 -17.78
N MET C 199 -28.41 -25.25 -18.28
CA MET C 199 -29.76 -24.95 -18.77
C MET C 199 -30.72 -26.01 -18.25
N SER C 200 -31.94 -25.57 -17.94
CA SER C 200 -33.00 -26.48 -17.49
C SER C 200 -34.22 -26.24 -18.36
N SER C 201 -34.60 -27.25 -19.15
CA SER C 201 -35.81 -27.18 -19.96
C SER C 201 -36.89 -28.02 -19.30
N THR C 202 -38.09 -27.45 -19.20
CA THR C 202 -39.21 -28.13 -18.56
C THR C 202 -40.39 -28.14 -19.51
N LEU C 203 -40.94 -29.33 -19.74
CA LEU C 203 -42.18 -29.50 -20.49
C LEU C 203 -43.26 -29.97 -19.51
N THR C 204 -44.23 -29.11 -19.25
CA THR C 204 -45.34 -29.42 -18.36
C THR C 204 -46.55 -29.86 -19.17
N LEU C 205 -47.35 -30.74 -18.58
CA LEU C 205 -48.51 -31.29 -19.28
C LEU C 205 -49.51 -31.80 -18.26
N THR C 206 -50.79 -31.55 -18.52
CA THR C 206 -51.84 -32.09 -17.68
C THR C 206 -51.89 -33.61 -17.78
N LYS C 207 -52.42 -34.23 -16.72
CA LYS C 207 -52.48 -35.69 -16.70
C LYS C 207 -53.40 -36.26 -17.77
N ASP C 208 -54.27 -35.42 -18.35
CA ASP C 208 -55.15 -35.89 -19.41
C ASP C 208 -54.35 -36.34 -20.63
N GLU C 209 -53.34 -35.57 -21.02
CA GLU C 209 -52.56 -35.85 -22.20
C GLU C 209 -51.26 -36.59 -21.91
N TYR C 210 -50.89 -36.77 -20.65
CA TYR C 210 -49.61 -37.42 -20.34
C TYR C 210 -49.64 -38.90 -20.73
N GLU C 211 -50.74 -39.59 -20.43
CA GLU C 211 -50.86 -41.01 -20.75
C GLU C 211 -51.32 -41.27 -22.18
N ARG C 212 -51.67 -40.23 -22.94
CA ARG C 212 -52.05 -40.41 -24.32
C ARG C 212 -50.85 -40.60 -25.25
N HIS C 213 -49.63 -40.40 -24.76
CA HIS C 213 -48.42 -40.58 -25.53
C HIS C 213 -47.41 -41.36 -24.69
N ASN C 214 -46.49 -42.03 -25.38
CA ASN C 214 -45.55 -42.94 -24.74
C ASN C 214 -44.12 -42.38 -24.72
N SER C 215 -43.58 -42.00 -25.86
CA SER C 215 -42.18 -41.61 -25.96
C SER C 215 -42.02 -40.13 -25.62
N TYR C 216 -41.06 -39.82 -24.75
CA TYR C 216 -40.70 -38.46 -24.39
C TYR C 216 -39.22 -38.27 -24.66
N THR C 217 -38.88 -37.29 -25.50
CA THR C 217 -37.51 -37.14 -25.96
C THR C 217 -37.04 -35.70 -25.77
N CYS C 218 -35.78 -35.53 -25.38
CA CYS C 218 -35.13 -34.22 -25.30
C CYS C 218 -33.88 -34.26 -26.15
N GLU C 219 -33.79 -33.34 -27.12
CA GLU C 219 -32.64 -33.27 -28.00
C GLU C 219 -32.04 -31.87 -28.00
N ALA C 220 -30.71 -31.81 -28.02
CA ALA C 220 -29.97 -30.57 -27.98
C ALA C 220 -29.05 -30.48 -29.19
N THR C 221 -29.05 -29.33 -29.85
CA THR C 221 -28.18 -29.05 -31.00
C THR C 221 -27.23 -27.93 -30.59
N HIS C 222 -26.02 -28.30 -30.22
CA HIS C 222 -25.02 -27.35 -29.72
C HIS C 222 -23.89 -27.20 -30.73
N LYS C 223 -23.17 -26.08 -30.62
CA LYS C 223 -22.05 -25.80 -31.51
C LYS C 223 -20.83 -26.66 -31.21
N THR C 224 -20.82 -27.39 -30.09
CA THR C 224 -19.67 -28.20 -29.73
C THR C 224 -19.42 -29.36 -30.69
N SER C 225 -20.44 -29.76 -31.45
CA SER C 225 -20.29 -30.87 -32.40
C SER C 225 -21.44 -30.79 -33.40
N THR C 226 -21.35 -31.61 -34.44
CA THR C 226 -22.37 -31.69 -35.47
C THR C 226 -23.43 -32.75 -35.19
N SER C 227 -23.32 -33.46 -34.07
CA SER C 227 -24.26 -34.51 -33.73
C SER C 227 -25.25 -34.00 -32.69
N PRO C 228 -26.54 -33.89 -33.02
CA PRO C 228 -27.53 -33.49 -32.01
C PRO C 228 -27.70 -34.56 -30.94
N ILE C 229 -27.39 -34.23 -29.69
CA ILE C 229 -27.41 -35.22 -28.62
C ILE C 229 -28.85 -35.43 -28.16
N VAL C 230 -29.24 -36.70 -28.04
CA VAL C 230 -30.63 -37.08 -27.82
C VAL C 230 -30.71 -37.99 -26.61
N LYS C 231 -31.63 -37.70 -25.69
CA LYS C 231 -31.94 -38.57 -24.58
C LYS C 231 -33.46 -38.71 -24.48
N SER C 232 -33.95 -39.95 -24.47
CA SER C 232 -35.38 -40.21 -24.51
C SER C 232 -35.74 -41.30 -23.51
N PHE C 233 -37.04 -41.43 -23.26
CA PHE C 233 -37.55 -42.48 -22.39
C PHE C 233 -39.00 -42.75 -22.79
N ASN C 234 -39.58 -43.78 -22.17
CA ASN C 234 -40.94 -44.21 -22.46
C ASN C 234 -41.74 -44.30 -21.16
N ARG C 235 -43.05 -44.08 -21.29
CA ARG C 235 -43.91 -44.12 -20.12
C ARG C 235 -44.00 -45.53 -19.54
N ASN C 236 -44.21 -46.53 -20.40
CA ASN C 236 -44.30 -47.91 -19.94
C ASN C 236 -42.93 -48.52 -19.61
N GLU C 237 -41.84 -47.86 -20.01
CA GLU C 237 -40.51 -48.38 -19.70
C GLU C 237 -40.22 -48.30 -18.20
N CYS C 238 -40.76 -47.30 -17.51
CA CYS C 238 -40.54 -47.13 -16.08
C CYS C 238 -41.17 -48.28 -15.30
N GLU D 20 -15.83 -6.88 9.59
CA GLU D 20 -15.68 -5.45 9.85
C GLU D 20 -17.04 -4.77 9.95
N VAL D 21 -17.33 -3.89 8.99
CA VAL D 21 -18.59 -3.19 8.94
C VAL D 21 -19.63 -4.09 8.27
N GLN D 22 -20.65 -4.49 9.03
CA GLN D 22 -21.69 -5.39 8.54
C GLN D 22 -23.04 -4.68 8.63
N LEU D 23 -23.80 -4.74 7.54
CA LEU D 23 -25.13 -4.16 7.46
C LEU D 23 -26.12 -5.29 7.23
N GLN D 24 -26.98 -5.55 8.21
CA GLN D 24 -27.97 -6.61 8.12
C GLN D 24 -29.34 -6.01 7.84
N GLN D 25 -29.98 -6.47 6.77
CA GLN D 25 -31.30 -5.99 6.39
C GLN D 25 -32.36 -7.01 6.73
N SER D 26 -33.62 -6.56 6.71
CA SER D 26 -34.74 -7.46 6.89
C SER D 26 -34.91 -8.36 5.67
N GLY D 27 -35.59 -9.48 5.88
CA GLY D 27 -35.79 -10.44 4.82
C GLY D 27 -36.83 -9.97 3.82
N PRO D 28 -37.01 -10.78 2.77
CA PRO D 28 -38.02 -10.45 1.76
C PRO D 28 -39.42 -10.47 2.35
N GLU D 29 -40.27 -9.57 1.88
CA GLU D 29 -41.66 -9.49 2.34
C GLU D 29 -42.58 -9.28 1.15
N LEU D 30 -43.59 -10.13 1.04
CA LEU D 30 -44.62 -9.98 0.01
C LEU D 30 -45.61 -8.92 0.48
N VAL D 31 -45.68 -7.80 -0.23
CA VAL D 31 -46.49 -6.65 0.16
C VAL D 31 -47.63 -6.49 -0.84
N LYS D 32 -48.83 -6.30 -0.33
CA LYS D 32 -49.97 -6.00 -1.19
C LYS D 32 -49.76 -4.64 -1.85
N PRO D 33 -50.25 -4.45 -3.08
CA PRO D 33 -50.11 -3.16 -3.75
C PRO D 33 -50.80 -2.04 -2.97
N GLY D 34 -50.16 -0.87 -2.96
CA GLY D 34 -50.69 0.27 -2.25
C GLY D 34 -50.40 0.28 -0.76
N ALA D 35 -49.71 -0.71 -0.23
CA ALA D 35 -49.40 -0.81 1.18
C ALA D 35 -47.96 -0.40 1.44
N SER D 36 -47.75 0.38 2.50
CA SER D 36 -46.42 0.85 2.86
C SER D 36 -45.58 -0.30 3.42
N MET D 37 -44.26 -0.13 3.34
CA MET D 37 -43.32 -1.09 3.90
C MET D 37 -42.11 -0.35 4.41
N LYS D 38 -41.65 -0.70 5.60
CA LYS D 38 -40.45 -0.14 6.21
C LYS D 38 -39.34 -1.17 6.17
N ILE D 39 -38.21 -0.80 5.57
CA ILE D 39 -37.08 -1.70 5.38
C ILE D 39 -36.01 -1.34 6.40
N SER D 40 -35.73 -2.25 7.32
CA SER D 40 -34.73 -2.03 8.36
C SER D 40 -33.35 -2.42 7.85
N CYS D 41 -32.35 -1.60 8.18
CA CYS D 41 -30.96 -1.83 7.78
C CYS D 41 -30.12 -1.75 9.06
N LYS D 42 -30.03 -2.87 9.78
CA LYS D 42 -29.29 -2.90 11.04
C LYS D 42 -27.79 -2.90 10.77
N THR D 43 -27.08 -2.01 11.46
CA THR D 43 -25.66 -1.81 11.25
C THR D 43 -24.86 -2.34 12.44
N SER D 44 -23.61 -2.70 12.18
CA SER D 44 -22.72 -3.19 13.23
C SER D 44 -21.28 -2.93 12.82
N GLY D 45 -20.38 -2.98 13.81
CA GLY D 45 -18.97 -2.81 13.56
C GLY D 45 -18.49 -1.38 13.48
N TYR D 46 -19.37 -0.40 13.63
CA TYR D 46 -18.97 1.00 13.55
C TYR D 46 -20.00 1.85 14.27
N SER D 47 -19.61 3.09 14.56
CA SER D 47 -20.52 4.05 15.18
C SER D 47 -21.60 4.43 14.18
N PHE D 48 -22.85 4.09 14.50
CA PHE D 48 -23.95 4.21 13.55
C PHE D 48 -24.13 5.64 13.04
N THR D 49 -24.12 6.61 13.95
CA THR D 49 -24.31 8.00 13.56
C THR D 49 -23.14 8.56 12.76
N GLY D 50 -22.04 7.83 12.68
CA GLY D 50 -20.83 8.37 12.07
C GLY D 50 -20.97 8.65 10.58
N TYR D 51 -21.44 7.67 9.83
CA TYR D 51 -21.40 7.74 8.38
C TYR D 51 -22.80 7.79 7.78
N THR D 52 -22.91 8.45 6.64
CA THR D 52 -24.17 8.58 5.93
C THR D 52 -24.61 7.23 5.37
N MET D 53 -25.93 7.02 5.35
CA MET D 53 -26.54 5.75 4.94
C MET D 53 -27.28 5.96 3.63
N ASN D 54 -26.72 5.46 2.54
CA ASN D 54 -27.35 5.54 1.23
C ASN D 54 -28.33 4.39 1.04
N TRP D 55 -29.26 4.57 0.11
CA TRP D 55 -30.22 3.54 -0.27
C TRP D 55 -30.27 3.45 -1.78
N VAL D 56 -30.17 2.23 -2.30
CA VAL D 56 -30.09 1.98 -3.74
C VAL D 56 -31.12 0.92 -4.11
N LYS D 57 -31.91 1.19 -5.15
CA LYS D 57 -32.90 0.26 -5.66
C LYS D 57 -32.41 -0.38 -6.94
N GLN D 58 -32.47 -1.70 -7.02
CA GLN D 58 -32.07 -2.45 -8.21
C GLN D 58 -33.31 -3.10 -8.80
N SER D 59 -33.96 -2.39 -9.73
CA SER D 59 -35.17 -2.89 -10.35
C SER D 59 -34.83 -3.91 -11.44
N HIS D 60 -35.62 -5.00 -11.47
CA HIS D 60 -35.53 -6.05 -12.47
C HIS D 60 -34.17 -6.75 -12.47
N GLY D 61 -33.42 -6.64 -11.38
CA GLY D 61 -32.15 -7.32 -11.23
C GLY D 61 -30.96 -6.65 -11.90
N LYS D 62 -31.18 -5.61 -12.69
CA LYS D 62 -30.05 -4.98 -13.37
C LYS D 62 -30.01 -3.47 -13.19
N ASN D 63 -31.16 -2.80 -13.18
CA ASN D 63 -31.20 -1.33 -13.20
C ASN D 63 -30.98 -0.80 -11.79
N LEU D 64 -29.72 -0.51 -11.46
CA LEU D 64 -29.41 0.13 -10.20
C LEU D 64 -29.88 1.58 -10.22
N GLU D 65 -30.65 1.96 -9.22
CA GLU D 65 -31.14 3.33 -9.09
C GLU D 65 -30.91 3.82 -7.67
N TRP D 66 -30.44 5.05 -7.55
CA TRP D 66 -30.16 5.66 -6.25
C TRP D 66 -31.43 6.27 -5.69
N ILE D 67 -31.78 5.89 -4.47
CA ILE D 67 -33.00 6.37 -3.82
C ILE D 67 -32.69 7.63 -3.03
N GLY D 68 -31.78 7.53 -2.08
CA GLY D 68 -31.41 8.67 -1.29
C GLY D 68 -30.43 8.29 -0.20
N LEU D 69 -29.99 9.31 0.53
CA LEU D 69 -29.09 9.14 1.66
C LEU D 69 -29.63 9.90 2.85
N ILE D 70 -29.36 9.38 4.05
CA ILE D 70 -29.76 10.02 5.29
C ILE D 70 -28.55 10.07 6.21
N ASN D 71 -28.27 11.24 6.75
CA ASN D 71 -27.20 11.36 7.74
C ASN D 71 -27.76 10.99 9.10
N PRO D 72 -27.34 9.88 9.69
CA PRO D 72 -27.97 9.41 10.93
C PRO D 72 -27.58 10.23 12.16
N TYR D 73 -26.59 11.11 12.05
CA TYR D 73 -26.22 11.93 13.21
C TYR D 73 -27.29 12.97 13.53
N ASN D 74 -27.64 13.79 12.55
CA ASN D 74 -28.66 14.82 12.72
C ASN D 74 -30.01 14.42 12.16
N GLY D 75 -30.04 13.80 10.98
CA GLY D 75 -31.28 13.32 10.38
C GLY D 75 -31.64 13.95 9.05
N ASP D 76 -30.82 14.83 8.47
CA ASP D 76 -31.16 15.42 7.19
C ASP D 76 -30.99 14.39 6.07
N THR D 77 -31.90 14.43 5.11
CA THR D 77 -31.94 13.48 4.02
C THR D 77 -31.72 14.19 2.69
N SER D 78 -31.54 13.38 1.64
CA SER D 78 -31.38 13.90 0.29
C SER D 78 -31.86 12.82 -0.66
N TYR D 79 -33.08 12.96 -1.17
CA TYR D 79 -33.71 11.94 -1.98
C TYR D 79 -33.45 12.16 -3.47
N ASN D 80 -33.69 11.10 -4.24
CA ASN D 80 -33.84 11.24 -5.68
C ASN D 80 -35.16 11.96 -5.97
N GLN D 81 -35.21 12.61 -7.14
CA GLN D 81 -36.43 13.31 -7.52
C GLN D 81 -37.60 12.35 -7.73
N LYS D 82 -37.32 11.18 -8.32
CA LYS D 82 -38.38 10.21 -8.55
C LYS D 82 -38.89 9.60 -7.25
N PHE D 83 -38.03 9.47 -6.24
CA PHE D 83 -38.39 8.80 -5.00
C PHE D 83 -38.84 9.76 -3.91
N LYS D 84 -38.96 11.05 -4.20
CA LYS D 84 -39.54 11.98 -3.24
C LYS D 84 -41.04 11.70 -3.12
N GLY D 85 -41.50 11.46 -1.89
CA GLY D 85 -42.86 11.05 -1.65
C GLY D 85 -43.10 9.56 -1.76
N LYS D 86 -42.15 8.82 -2.31
CA LYS D 86 -42.21 7.37 -2.39
C LYS D 86 -41.49 6.69 -1.23
N ALA D 87 -40.29 7.16 -0.91
CA ALA D 87 -39.48 6.62 0.18
C ALA D 87 -39.18 7.71 1.19
N THR D 88 -39.25 7.35 2.47
CA THR D 88 -38.88 8.24 3.57
C THR D 88 -37.82 7.53 4.40
N LEU D 89 -36.67 8.18 4.57
CA LEU D 89 -35.56 7.59 5.30
C LEU D 89 -35.58 8.05 6.75
N THR D 90 -35.51 7.10 7.68
CA THR D 90 -35.47 7.38 9.10
C THR D 90 -34.37 6.52 9.73
N VAL D 91 -33.93 6.94 10.92
CA VAL D 91 -32.88 6.24 11.65
C VAL D 91 -33.33 6.01 13.08
N ASP D 92 -32.67 5.06 13.73
CA ASP D 92 -32.92 4.72 15.13
C ASP D 92 -31.55 4.58 15.80
N LYS D 93 -31.08 5.65 16.44
CA LYS D 93 -29.75 5.65 17.02
C LYS D 93 -29.63 4.68 18.19
N SER D 94 -30.74 4.42 18.88
CA SER D 94 -30.69 3.52 20.04
C SER D 94 -30.33 2.10 19.64
N SER D 95 -30.93 1.60 18.55
CA SER D 95 -30.66 0.25 18.07
C SER D 95 -29.71 0.22 16.89
N SER D 96 -29.18 1.37 16.47
CA SER D 96 -28.26 1.48 15.34
C SER D 96 -28.87 0.90 14.07
N THR D 97 -30.15 1.19 13.84
CA THR D 97 -30.88 0.67 12.70
C THR D 97 -31.42 1.82 11.86
N ALA D 98 -31.11 1.82 10.57
CA ALA D 98 -31.62 2.81 9.64
C ALA D 98 -32.79 2.23 8.86
N TYR D 99 -33.87 2.98 8.76
CA TYR D 99 -35.09 2.52 8.12
C TYR D 99 -35.36 3.29 6.84
N MET D 100 -35.92 2.60 5.86
CA MET D 100 -36.51 3.23 4.69
C MET D 100 -37.96 2.79 4.61
N GLU D 101 -38.88 3.75 4.68
CA GLU D 101 -40.31 3.46 4.68
C GLU D 101 -40.86 3.80 3.30
N LEU D 102 -41.02 2.79 2.46
CA LEU D 102 -41.61 2.99 1.14
C LEU D 102 -43.10 3.24 1.27
N LEU D 103 -43.63 4.14 0.45
CA LEU D 103 -45.02 4.56 0.50
C LEU D 103 -45.71 4.24 -0.81
N SER D 104 -46.90 3.64 -0.72
CA SER D 104 -47.77 3.34 -1.86
C SER D 104 -47.04 2.45 -2.87
N LEU D 105 -46.73 1.23 -2.42
CA LEU D 105 -46.00 0.28 -3.25
C LEU D 105 -46.85 -0.17 -4.44
N THR D 106 -46.26 -0.13 -5.62
CA THR D 106 -46.87 -0.59 -6.85
C THR D 106 -46.00 -1.68 -7.48
N SER D 107 -46.44 -2.18 -8.64
CA SER D 107 -45.69 -3.25 -9.31
C SER D 107 -44.32 -2.79 -9.78
N GLU D 108 -44.12 -1.49 -9.99
CA GLU D 108 -42.81 -0.97 -10.35
C GLU D 108 -41.81 -1.04 -9.19
N ASP D 109 -42.29 -1.26 -7.96
CA ASP D 109 -41.43 -1.33 -6.79
C ASP D 109 -40.93 -2.75 -6.50
N SER D 110 -41.23 -3.71 -7.37
CA SER D 110 -40.71 -5.06 -7.18
C SER D 110 -39.21 -5.06 -7.52
N ALA D 111 -38.38 -4.86 -6.51
CA ALA D 111 -36.96 -4.67 -6.72
C ALA D 111 -36.20 -5.15 -5.49
N VAL D 112 -34.88 -5.04 -5.55
CA VAL D 112 -34.00 -5.34 -4.42
C VAL D 112 -33.42 -4.02 -3.94
N TYR D 113 -33.61 -3.72 -2.66
CA TYR D 113 -33.19 -2.45 -2.07
C TYR D 113 -31.98 -2.70 -1.19
N TYR D 114 -30.89 -1.99 -1.48
CA TYR D 114 -29.65 -2.12 -0.73
C TYR D 114 -29.42 -0.85 0.09
N CYS D 115 -28.70 -1.01 1.20
CA CYS D 115 -28.23 0.12 1.99
C CYS D 115 -26.71 0.03 2.08
N GLU D 116 -26.03 1.05 1.61
CA GLU D 116 -24.58 1.12 1.68
C GLU D 116 -24.17 2.25 2.61
N VAL D 117 -22.85 2.37 2.83
CA VAL D 117 -22.33 3.34 3.79
C VAL D 117 -21.42 4.33 3.06
N ILE D 118 -20.32 3.84 2.50
CA ILE D 118 -19.40 4.66 1.73
C ILE D 118 -19.32 4.09 0.33
N ASN D 119 -20.40 3.44 -0.11
CA ASN D 119 -20.53 2.65 -1.34
C ASN D 119 -19.66 1.41 -1.31
N THR D 120 -18.91 1.16 -0.23
CA THR D 120 -18.03 0.01 -0.11
C THR D 120 -18.68 -1.15 0.64
N TYR D 121 -19.36 -0.87 1.75
CA TYR D 121 -20.01 -1.87 2.57
C TYR D 121 -21.50 -1.81 2.32
N TRP D 122 -22.07 -2.91 1.87
CA TRP D 122 -23.46 -2.97 1.43
C TRP D 122 -24.24 -3.99 2.24
N GLY D 123 -25.54 -3.77 2.36
CA GLY D 123 -26.42 -4.79 2.90
C GLY D 123 -26.69 -5.88 1.89
N GLN D 124 -27.25 -6.99 2.39
CA GLN D 124 -27.53 -8.12 1.51
C GLN D 124 -28.69 -7.87 0.56
N GLY D 125 -29.48 -6.82 0.79
CA GLY D 125 -30.60 -6.52 -0.08
C GLY D 125 -31.91 -7.09 0.40
N THR D 126 -32.97 -6.29 0.35
CA THR D 126 -34.31 -6.71 0.76
C THR D 126 -35.16 -6.84 -0.49
N LEU D 127 -35.34 -8.09 -0.94
CA LEU D 127 -36.15 -8.36 -2.13
C LEU D 127 -37.61 -8.09 -1.81
N VAL D 128 -38.13 -6.97 -2.29
CA VAL D 128 -39.51 -6.57 -2.05
C VAL D 128 -40.35 -7.03 -3.23
N THR D 129 -41.33 -7.89 -2.97
CA THR D 129 -42.24 -8.39 -4.00
C THR D 129 -43.60 -7.77 -3.76
N VAL D 130 -43.98 -6.83 -4.63
CA VAL D 130 -45.25 -6.13 -4.52
C VAL D 130 -46.23 -6.86 -5.42
N SER D 131 -46.95 -7.81 -4.83
CA SER D 131 -47.98 -8.58 -5.59
C SER D 131 -49.14 -8.92 -4.65
N ALA D 132 -50.36 -8.97 -5.17
CA ALA D 132 -51.55 -9.34 -4.36
C ALA D 132 -51.73 -10.86 -4.40
N ALA D 133 -50.72 -11.57 -4.89
CA ALA D 133 -50.81 -13.05 -5.02
C ALA D 133 -50.89 -13.70 -3.63
N LYS D 134 -51.44 -14.91 -3.56
CA LYS D 134 -51.60 -15.61 -2.26
C LYS D 134 -50.32 -16.42 -1.95
N THR D 135 -49.69 -16.14 -0.81
CA THR D 135 -48.52 -16.90 -0.39
C THR D 135 -48.82 -18.39 -0.45
N THR D 136 -47.98 -19.13 -1.18
CA THR D 136 -48.20 -20.55 -1.39
C THR D 136 -46.99 -21.33 -0.90
N PRO D 137 -47.19 -22.35 -0.05
CA PRO D 137 -46.05 -23.16 0.39
C PRO D 137 -45.47 -23.91 -0.78
N PRO D 138 -44.15 -24.13 -0.78
CA PRO D 138 -43.52 -24.82 -1.90
C PRO D 138 -43.83 -26.32 -1.91
N SER D 139 -43.76 -26.89 -3.10
CA SER D 139 -43.90 -28.33 -3.29
C SER D 139 -42.52 -28.90 -3.62
N VAL D 140 -41.95 -29.67 -2.70
CA VAL D 140 -40.59 -30.17 -2.81
C VAL D 140 -40.62 -31.64 -3.19
N TYR D 141 -39.85 -32.01 -4.22
CA TYR D 141 -39.83 -33.36 -4.74
C TYR D 141 -38.39 -33.79 -4.98
N PRO D 142 -37.93 -34.89 -4.39
CA PRO D 142 -36.62 -35.43 -4.77
C PRO D 142 -36.69 -36.19 -6.08
N LEU D 143 -35.56 -36.19 -6.80
CA LEU D 143 -35.48 -36.82 -8.11
C LEU D 143 -34.16 -37.58 -8.21
N ALA D 144 -34.24 -38.90 -8.33
CA ALA D 144 -33.09 -39.79 -8.42
C ALA D 144 -33.19 -40.67 -9.66
N PRO D 145 -32.06 -41.09 -10.22
CA PRO D 145 -32.10 -41.95 -11.42
C PRO D 145 -32.56 -43.37 -11.12
N GLY D 146 -33.86 -43.53 -10.86
CA GLY D 146 -34.42 -44.85 -10.67
C GLY D 146 -34.30 -45.73 -11.90
N SER D 147 -33.80 -46.95 -11.74
CA SER D 147 -33.56 -47.87 -12.84
C SER D 147 -32.67 -47.21 -13.91
N ALA D 148 -31.58 -46.60 -13.45
CA ALA D 148 -30.71 -45.86 -14.35
C ALA D 148 -30.04 -46.77 -15.38
N ALA D 149 -29.63 -47.97 -14.95
CA ALA D 149 -28.88 -48.92 -15.77
C ALA D 149 -27.56 -48.37 -16.28
N GLN D 150 -27.06 -47.31 -15.65
CA GLN D 150 -25.78 -46.71 -16.03
C GLN D 150 -25.24 -46.01 -14.79
N THR D 151 -24.19 -46.59 -14.18
CA THR D 151 -23.73 -46.17 -12.86
C THR D 151 -22.23 -45.86 -12.90
N ASN D 152 -21.82 -45.04 -13.85
CA ASN D 152 -20.47 -44.49 -13.84
C ASN D 152 -20.28 -43.64 -12.59
N SER D 153 -19.02 -43.40 -12.24
CA SER D 153 -18.74 -42.69 -10.99
C SER D 153 -18.92 -41.18 -11.17
N MET D 154 -20.02 -40.80 -11.81
CA MET D 154 -20.54 -39.42 -11.84
C MET D 154 -22.04 -39.55 -12.08
N VAL D 155 -22.82 -39.47 -11.00
CA VAL D 155 -24.26 -39.64 -11.06
C VAL D 155 -24.92 -38.38 -10.50
N THR D 156 -25.98 -37.94 -11.16
CA THR D 156 -26.66 -36.70 -10.83
C THR D 156 -27.97 -36.99 -10.11
N LEU D 157 -28.25 -36.21 -9.07
CA LEU D 157 -29.52 -36.28 -8.36
C LEU D 157 -29.97 -34.86 -8.03
N GLY D 158 -31.29 -34.64 -8.02
CA GLY D 158 -31.83 -33.30 -7.96
C GLY D 158 -32.98 -33.19 -6.96
N CYS D 159 -33.34 -31.93 -6.69
CA CYS D 159 -34.45 -31.59 -5.81
C CYS D 159 -35.21 -30.44 -6.45
N LEU D 160 -36.49 -30.65 -6.72
CA LEU D 160 -37.31 -29.71 -7.47
C LEU D 160 -38.31 -29.02 -6.54
N VAL D 161 -38.36 -27.70 -6.61
CA VAL D 161 -39.31 -26.90 -5.84
C VAL D 161 -40.29 -26.30 -6.85
N LYS D 162 -41.57 -26.62 -6.69
CA LYS D 162 -42.60 -26.24 -7.65
C LYS D 162 -43.75 -25.53 -6.93
N GLY D 163 -44.25 -24.48 -7.56
CA GLY D 163 -45.43 -23.78 -7.05
C GLY D 163 -45.26 -23.11 -5.70
N TYR D 164 -44.43 -22.08 -5.64
CA TYR D 164 -44.25 -21.31 -4.41
C TYR D 164 -44.31 -19.82 -4.74
N PHE D 165 -44.61 -19.03 -3.71
CA PHE D 165 -44.71 -17.59 -3.82
C PHE D 165 -44.65 -16.95 -2.44
N PRO D 166 -43.93 -15.83 -2.28
CA PRO D 166 -43.10 -15.19 -3.30
C PRO D 166 -41.63 -15.58 -3.22
N GLU D 167 -40.80 -14.87 -3.99
CA GLU D 167 -39.35 -15.04 -3.94
C GLU D 167 -38.80 -14.44 -2.65
N PRO D 168 -37.63 -14.92 -2.19
CA PRO D 168 -36.87 -16.05 -2.73
C PRO D 168 -36.92 -17.29 -1.83
N VAL D 169 -36.29 -18.37 -2.28
CA VAL D 169 -36.13 -19.58 -1.50
C VAL D 169 -34.66 -19.98 -1.52
N THR D 170 -34.24 -20.71 -0.48
CA THR D 170 -32.87 -21.19 -0.38
C THR D 170 -32.89 -22.71 -0.38
N VAL D 171 -32.18 -23.32 -1.33
CA VAL D 171 -32.10 -24.77 -1.45
C VAL D 171 -30.65 -25.17 -1.24
N THR D 172 -30.39 -25.96 -0.21
CA THR D 172 -29.06 -26.46 0.11
C THR D 172 -29.10 -27.98 0.19
N TRP D 173 -27.92 -28.58 0.33
CA TRP D 173 -27.78 -30.03 0.37
C TRP D 173 -27.07 -30.43 1.65
N ASN D 174 -27.74 -31.26 2.47
CA ASN D 174 -27.18 -31.79 3.71
C ASN D 174 -26.68 -30.68 4.62
N SER D 175 -27.51 -29.65 4.77
CA SER D 175 -27.22 -28.50 5.63
C SER D 175 -25.91 -27.81 5.23
N GLY D 176 -25.67 -27.72 3.92
CA GLY D 176 -24.51 -27.02 3.42
C GLY D 176 -23.20 -27.75 3.53
N SER D 177 -23.21 -29.04 3.88
CA SER D 177 -21.97 -29.79 3.96
C SER D 177 -21.31 -29.94 2.59
N LEU D 178 -22.11 -30.16 1.55
CA LEU D 178 -21.60 -30.31 0.19
C LEU D 178 -21.72 -28.96 -0.53
N SER D 179 -20.59 -28.43 -0.99
CA SER D 179 -20.56 -27.16 -1.70
C SER D 179 -20.06 -27.28 -3.13
N SER D 180 -19.35 -28.34 -3.47
CA SER D 180 -18.83 -28.53 -4.82
C SER D 180 -19.81 -29.34 -5.67
N GLY D 181 -19.91 -28.99 -6.94
CA GLY D 181 -20.79 -29.70 -7.84
C GLY D 181 -22.26 -29.38 -7.67
N VAL D 182 -22.58 -28.23 -7.06
CA VAL D 182 -23.96 -27.82 -6.84
C VAL D 182 -24.38 -26.89 -7.97
N HIS D 183 -25.67 -26.94 -8.32
CA HIS D 183 -26.21 -26.06 -9.36
C HIS D 183 -27.65 -25.75 -8.99
N THR D 184 -27.90 -24.50 -8.59
CA THR D 184 -29.24 -24.04 -8.26
C THR D 184 -29.74 -23.15 -9.41
N PHE D 185 -30.65 -23.68 -10.20
CA PHE D 185 -31.11 -22.95 -11.38
C PHE D 185 -32.07 -21.83 -10.99
N PRO D 186 -32.04 -20.71 -11.72
CA PRO D 186 -32.93 -19.59 -11.40
C PRO D 186 -34.40 -19.98 -11.55
N ALA D 187 -35.23 -19.38 -10.71
CA ALA D 187 -36.66 -19.63 -10.74
C ALA D 187 -37.29 -19.02 -11.98
N VAL D 188 -38.38 -19.63 -12.44
CA VAL D 188 -39.15 -19.13 -13.58
C VAL D 188 -40.62 -19.08 -13.18
N LEU D 189 -41.32 -18.06 -13.68
CA LEU D 189 -42.72 -17.83 -13.33
C LEU D 189 -43.65 -18.56 -14.29
N GLN D 190 -44.73 -19.10 -13.73
CA GLN D 190 -45.77 -19.78 -14.50
C GLN D 190 -47.03 -19.81 -13.66
N SER D 191 -48.13 -19.29 -14.22
CA SER D 191 -49.42 -19.25 -13.51
C SER D 191 -49.28 -18.56 -12.16
N ASP D 192 -48.52 -17.46 -12.13
CA ASP D 192 -48.26 -16.70 -10.91
C ASP D 192 -47.64 -17.58 -9.82
N LEU D 193 -46.76 -18.48 -10.23
CA LEU D 193 -46.05 -19.35 -9.29
C LEU D 193 -44.64 -19.57 -9.80
N TYR D 194 -43.65 -19.39 -8.92
CA TYR D 194 -42.26 -19.59 -9.31
C TYR D 194 -41.85 -21.05 -9.11
N THR D 195 -40.98 -21.52 -10.01
CA THR D 195 -40.42 -22.87 -9.92
C THR D 195 -38.91 -22.78 -9.96
N LEU D 196 -38.26 -23.68 -9.22
CA LEU D 196 -36.81 -23.69 -9.09
C LEU D 196 -36.34 -25.13 -8.98
N SER D 197 -35.08 -25.37 -9.34
CA SER D 197 -34.50 -26.70 -9.26
C SER D 197 -33.08 -26.61 -8.72
N SER D 198 -32.65 -27.70 -8.07
CA SER D 198 -31.28 -27.84 -7.62
C SER D 198 -30.77 -29.20 -8.04
N SER D 199 -29.48 -29.26 -8.39
CA SER D 199 -28.87 -30.48 -8.92
C SER D 199 -27.47 -30.64 -8.36
N VAL D 200 -27.11 -31.87 -8.05
CA VAL D 200 -25.76 -32.18 -7.58
C VAL D 200 -25.28 -33.46 -8.25
N THR D 201 -24.04 -33.45 -8.73
CA THR D 201 -23.40 -34.62 -9.34
C THR D 201 -22.34 -35.13 -8.38
N VAL D 202 -22.49 -36.38 -7.94
CA VAL D 202 -21.56 -36.99 -6.99
C VAL D 202 -21.14 -38.35 -7.54
N PRO D 203 -19.96 -38.85 -7.20
CA PRO D 203 -19.53 -40.15 -7.75
C PRO D 203 -20.34 -41.30 -7.17
N SER D 204 -20.23 -42.45 -7.83
CA SER D 204 -20.93 -43.65 -7.39
C SER D 204 -20.43 -44.13 -6.04
N SER D 205 -19.22 -43.74 -5.63
CA SER D 205 -18.71 -44.09 -4.31
C SER D 205 -19.47 -43.38 -3.19
N THR D 206 -20.28 -42.38 -3.51
CA THR D 206 -21.07 -41.66 -2.52
C THR D 206 -22.51 -42.16 -2.45
N TRP D 207 -23.19 -42.22 -3.60
CA TRP D 207 -24.57 -42.69 -3.67
C TRP D 207 -24.61 -44.21 -3.73
N PRO D 208 -25.42 -44.88 -2.88
CA PRO D 208 -26.20 -44.25 -1.81
C PRO D 208 -25.58 -44.43 -0.43
N SER D 209 -24.25 -44.57 -0.38
CA SER D 209 -23.57 -44.89 0.88
C SER D 209 -23.77 -43.79 1.92
N GLU D 210 -23.61 -42.53 1.52
CA GLU D 210 -23.81 -41.40 2.43
C GLU D 210 -25.17 -40.76 2.21
N THR D 211 -25.77 -40.30 3.31
CA THR D 211 -27.09 -39.69 3.26
C THR D 211 -27.07 -38.39 2.47
N VAL D 212 -28.03 -38.24 1.57
CA VAL D 212 -28.21 -37.01 0.79
C VAL D 212 -29.62 -36.51 1.03
N THR D 213 -29.75 -35.24 1.42
CA THR D 213 -31.03 -34.64 1.75
C THR D 213 -31.03 -33.20 1.27
N CYS D 214 -32.08 -32.80 0.56
CA CYS D 214 -32.21 -31.43 0.10
C CYS D 214 -33.06 -30.64 1.08
N ASN D 215 -32.56 -29.46 1.48
CA ASN D 215 -33.23 -28.61 2.44
C ASN D 215 -33.71 -27.35 1.72
N VAL D 216 -35.02 -27.10 1.77
CA VAL D 216 -35.63 -25.97 1.08
C VAL D 216 -36.26 -25.07 2.14
N ALA D 217 -35.82 -23.81 2.18
CA ALA D 217 -36.29 -22.84 3.15
C ALA D 217 -36.93 -21.67 2.42
N HIS D 218 -38.18 -21.36 2.78
CA HIS D 218 -38.88 -20.19 2.27
C HIS D 218 -39.30 -19.33 3.45
N PRO D 219 -38.63 -18.20 3.70
CA PRO D 219 -38.96 -17.40 4.88
C PRO D 219 -40.27 -16.67 4.77
N ALA D 220 -40.72 -16.33 3.55
CA ALA D 220 -41.99 -15.64 3.40
C ALA D 220 -43.15 -16.50 3.88
N SER D 221 -43.13 -17.79 3.56
CA SER D 221 -44.09 -18.74 4.10
C SER D 221 -43.65 -19.32 5.44
N SER D 222 -42.48 -18.93 5.93
CA SER D 222 -41.92 -19.41 7.20
C SER D 222 -41.89 -20.93 7.24
N THR D 223 -41.40 -21.54 6.16
CA THR D 223 -41.32 -22.98 6.05
C THR D 223 -39.87 -23.41 5.82
N LYS D 224 -39.52 -24.57 6.36
CA LYS D 224 -38.19 -25.14 6.20
C LYS D 224 -38.35 -26.66 6.10
N VAL D 225 -38.39 -27.17 4.89
CA VAL D 225 -38.64 -28.60 4.65
C VAL D 225 -37.33 -29.29 4.33
N ASP D 226 -37.24 -30.56 4.73
CA ASP D 226 -36.08 -31.40 4.47
C ASP D 226 -36.56 -32.68 3.81
N LYS D 227 -36.03 -33.00 2.64
CA LYS D 227 -36.46 -34.17 1.90
C LYS D 227 -35.26 -35.07 1.64
N LYS D 228 -35.36 -36.32 2.12
CA LYS D 228 -34.34 -37.33 1.86
C LYS D 228 -34.64 -38.02 0.54
N ILE D 229 -33.65 -38.04 -0.35
CA ILE D 229 -33.80 -38.66 -1.65
C ILE D 229 -33.51 -40.16 -1.54
N VAL D 230 -34.36 -40.97 -2.18
CA VAL D 230 -34.26 -42.42 -2.08
C VAL D 230 -34.48 -43.02 -3.47
N PRO D 231 -33.74 -44.07 -3.83
CA PRO D 231 -34.01 -44.74 -5.11
C PRO D 231 -35.38 -45.38 -5.12
N ARG D 232 -36.00 -45.42 -6.30
CA ARG D 232 -37.32 -46.01 -6.46
C ARG D 232 -37.22 -47.45 -6.94
N LEU E 16 -2.44 64.87 17.31
CA LEU E 16 -1.80 64.16 18.41
C LEU E 16 -2.70 63.05 18.94
N LEU E 17 -2.18 61.82 18.91
CA LEU E 17 -2.80 60.59 19.40
C LEU E 17 -3.99 60.15 18.57
N GLU E 18 -4.41 60.93 17.58
CA GLU E 18 -5.45 60.51 16.65
C GLU E 18 -4.88 59.89 15.38
N GLN E 19 -3.68 60.31 14.96
CA GLN E 19 -3.02 59.67 13.84
C GLN E 19 -2.58 58.26 14.18
N TRP E 20 -2.25 58.01 15.46
CA TRP E 20 -1.95 56.65 15.89
C TRP E 20 -3.18 55.75 15.84
N ASN E 21 -4.37 56.32 16.01
CA ASN E 21 -5.59 55.56 15.85
C ASN E 21 -5.76 55.09 14.40
N LEU E 22 -5.41 55.95 13.45
CA LEU E 22 -5.53 55.58 12.04
C LEU E 22 -4.53 54.50 11.66
N VAL E 23 -3.33 54.55 12.24
CA VAL E 23 -2.31 53.55 11.94
C VAL E 23 -2.76 52.17 12.43
N ILE E 24 -3.32 52.11 13.64
CA ILE E 24 -3.82 50.85 14.17
C ILE E 24 -5.01 50.36 13.34
N GLY E 25 -5.83 51.29 12.87
CA GLY E 25 -6.96 50.91 12.04
C GLY E 25 -6.55 50.22 10.75
N PHE E 26 -5.47 50.70 10.13
CA PHE E 26 -4.93 50.04 8.95
C PHE E 26 -4.15 48.79 9.31
N LEU E 27 -3.57 48.73 10.51
CA LEU E 27 -2.94 47.50 10.98
C LEU E 27 -3.97 46.39 11.14
N PHE E 28 -5.13 46.72 11.70
CA PHE E 28 -6.22 45.75 11.78
C PHE E 28 -6.84 45.47 10.42
N LEU E 29 -6.94 46.50 9.57
CA LEU E 29 -7.51 46.30 8.23
C LEU E 29 -6.63 45.39 7.39
N THR E 30 -5.31 45.56 7.46
CA THR E 30 -4.40 44.64 6.81
C THR E 30 -4.51 43.25 7.41
N TRP E 31 -4.67 43.18 8.74
CA TRP E 31 -4.84 41.90 9.42
C TRP E 31 -6.10 41.19 8.94
N ILE E 32 -7.20 41.92 8.82
CA ILE E 32 -8.47 41.32 8.40
C ILE E 32 -8.36 40.80 6.96
N CYS E 33 -7.75 41.59 6.08
CA CYS E 33 -7.61 41.19 4.68
C CYS E 33 -6.74 39.94 4.54
N LEU E 34 -5.64 39.89 5.30
CA LEU E 34 -4.79 38.70 5.27
C LEU E 34 -5.49 37.49 5.90
N LEU E 35 -6.35 37.72 6.89
CA LEU E 35 -7.05 36.65 7.58
C LEU E 35 -8.31 36.21 6.85
N GLN E 36 -8.83 37.01 5.92
CA GLN E 36 -10.07 36.66 5.24
C GLN E 36 -9.85 36.44 3.75
N PHE E 37 -9.33 37.45 3.06
CA PHE E 37 -9.22 37.38 1.60
C PHE E 37 -8.11 36.45 1.16
N ALA E 38 -6.96 36.52 1.83
CA ALA E 38 -5.77 35.76 1.43
C ALA E 38 -5.33 34.77 2.50
N TYR E 39 -6.27 34.28 3.30
CA TYR E 39 -5.95 33.26 4.28
C TYR E 39 -5.64 31.94 3.60
N ALA E 40 -6.49 31.51 2.67
CA ALA E 40 -6.26 30.25 1.97
C ALA E 40 -5.14 30.39 0.94
N ASN E 41 -5.01 31.57 0.34
CA ASN E 41 -3.97 31.81 -0.65
C ASN E 41 -2.59 31.63 -0.04
N ARG E 42 -1.74 30.86 -0.72
CA ARG E 42 -0.41 30.54 -0.22
C ARG E 42 0.68 31.01 -1.17
N ASN E 43 0.46 32.12 -1.87
CA ASN E 43 1.51 32.74 -2.66
C ASN E 43 2.68 33.13 -1.76
N ARG E 44 3.90 32.81 -2.21
CA ARG E 44 5.07 33.00 -1.36
C ARG E 44 5.31 34.46 -1.02
N PHE E 45 5.06 35.37 -1.97
CA PHE E 45 5.17 36.80 -1.66
C PHE E 45 4.09 37.22 -0.66
N LEU E 46 2.88 36.67 -0.81
CA LEU E 46 1.83 36.94 0.17
C LEU E 46 2.17 36.37 1.53
N TYR E 47 2.76 35.17 1.56
CA TYR E 47 3.17 34.56 2.82
C TYR E 47 4.26 35.38 3.50
N ILE E 48 5.12 36.01 2.70
CA ILE E 48 6.09 36.95 3.25
C ILE E 48 5.38 38.13 3.91
N ILE E 49 4.38 38.68 3.22
CA ILE E 49 3.65 39.85 3.73
C ILE E 49 2.95 39.50 5.04
N LYS E 50 2.37 38.31 5.12
CA LYS E 50 1.77 37.85 6.38
C LYS E 50 2.83 37.76 7.48
N LEU E 51 4.01 37.24 7.15
CA LEU E 51 5.09 37.18 8.13
C LEU E 51 5.71 38.54 8.39
N ILE E 52 5.70 39.45 7.40
CA ILE E 52 6.12 40.82 7.65
C ILE E 52 5.16 41.49 8.63
N PHE E 53 3.86 41.30 8.45
CA PHE E 53 2.88 41.90 9.35
C PHE E 53 2.96 41.31 10.75
N LEU E 54 3.14 39.99 10.86
CA LEU E 54 3.24 39.38 12.18
C LEU E 54 4.52 39.78 12.89
N TRP E 55 5.58 40.08 12.14
CA TRP E 55 6.81 40.55 12.77
C TRP E 55 6.63 41.94 13.36
N LEU E 56 5.98 42.84 12.62
CA LEU E 56 5.78 44.19 13.12
C LEU E 56 4.70 44.26 14.18
N LEU E 57 4.01 43.15 14.48
CA LEU E 57 3.05 43.13 15.56
C LEU E 57 3.72 43.22 16.93
N TRP E 58 5.01 42.93 17.01
CA TRP E 58 5.74 43.04 18.28
C TRP E 58 6.14 44.49 18.58
N PRO E 59 6.70 45.26 17.63
CA PRO E 59 6.92 46.68 17.94
C PRO E 59 5.66 47.47 18.20
N VAL E 60 4.56 47.16 17.50
CA VAL E 60 3.33 47.94 17.71
C VAL E 60 2.59 47.50 18.95
N THR E 61 2.83 46.29 19.46
CA THR E 61 2.35 45.94 20.79
C THR E 61 3.14 46.68 21.85
N LEU E 62 4.46 46.82 21.65
CA LEU E 62 5.30 47.58 22.55
C LEU E 62 5.00 49.08 22.45
N ALA E 63 4.68 49.56 21.25
CA ALA E 63 4.40 50.98 21.07
C ALA E 63 3.13 51.40 21.79
N CYS E 64 2.13 50.52 21.84
CA CYS E 64 0.90 50.83 22.56
C CYS E 64 1.15 50.93 24.06
N PHE E 65 1.97 50.04 24.62
CA PHE E 65 2.25 50.05 26.04
C PHE E 65 3.23 51.14 26.43
N VAL E 66 4.18 51.48 25.55
CA VAL E 66 5.08 52.60 25.82
C VAL E 66 4.29 53.91 25.81
N LEU E 67 3.36 54.06 24.87
CA LEU E 67 2.52 55.26 24.83
C LEU E 67 1.67 55.38 26.09
N ALA E 68 1.14 54.25 26.58
CA ALA E 68 0.39 54.29 27.84
C ALA E 68 1.32 54.52 29.02
N ALA E 69 2.56 54.03 28.95
CA ALA E 69 3.51 54.27 30.03
C ALA E 69 3.97 55.72 30.06
N VAL E 70 4.17 56.33 28.89
CA VAL E 70 4.54 57.74 28.84
C VAL E 70 3.39 58.61 29.34
N TYR E 71 2.16 58.30 28.92
CA TYR E 71 0.99 59.03 29.38
C TYR E 71 0.51 58.43 30.70
N ARG E 72 1.33 58.62 31.73
CA ARG E 72 1.12 58.01 33.05
C ARG E 72 0.30 58.96 33.92
N ILE E 73 -0.97 59.10 33.55
CA ILE E 73 -1.88 59.96 34.30
C ILE E 73 -2.16 59.37 35.68
N ASN E 74 -2.45 58.07 35.73
CA ASN E 74 -2.64 57.34 36.97
C ASN E 74 -1.62 56.22 37.05
N TRP E 75 -1.04 56.04 38.25
CA TRP E 75 0.05 55.10 38.43
C TRP E 75 -0.39 53.65 38.23
N ILE E 76 -1.67 53.35 38.48
CA ILE E 76 -2.15 51.98 38.33
C ILE E 76 -2.20 51.59 36.86
N THR E 77 -2.69 52.49 36.00
CA THR E 77 -2.73 52.18 34.57
C THR E 77 -1.33 52.26 33.96
N GLY E 78 -0.57 53.30 34.30
CA GLY E 78 0.78 53.42 33.78
C GLY E 78 1.72 52.33 34.30
N GLY E 79 1.57 51.96 35.57
CA GLY E 79 2.42 50.93 36.14
C GLY E 79 2.19 49.57 35.49
N ILE E 80 0.93 49.25 35.17
CA ILE E 80 0.63 48.03 34.44
C ILE E 80 1.26 48.07 33.05
N ALA E 81 1.15 49.22 32.37
CA ALA E 81 1.71 49.36 31.03
C ALA E 81 3.23 49.27 31.04
N ILE E 82 3.88 49.76 32.10
CA ILE E 82 5.32 49.59 32.24
C ILE E 82 5.68 48.12 32.38
N ALA E 83 4.94 47.41 33.23
CA ALA E 83 5.19 45.98 33.41
C ALA E 83 4.79 45.18 32.18
N MET E 84 3.70 45.58 31.51
CA MET E 84 3.25 44.85 30.34
C MET E 84 4.16 45.10 29.14
N ALA E 85 4.77 46.29 29.05
CA ALA E 85 5.76 46.53 28.02
C ALA E 85 7.02 45.70 28.25
N CYS E 86 7.30 45.34 29.50
CA CYS E 86 8.41 44.44 29.78
C CYS E 86 8.08 43.02 29.34
N LEU E 87 6.82 42.60 29.52
CA LEU E 87 6.43 41.25 29.09
C LEU E 87 6.51 41.09 27.58
N VAL E 88 5.98 42.07 26.83
CA VAL E 88 6.08 41.99 25.38
C VAL E 88 7.49 42.35 24.93
N GLY E 89 8.21 43.16 25.71
CA GLY E 89 9.60 43.45 25.37
C GLY E 89 10.50 42.25 25.53
N LEU E 90 10.28 41.45 26.57
CA LEU E 90 11.12 40.27 26.80
C LEU E 90 10.82 39.18 25.79
N MET E 91 9.53 38.94 25.49
CA MET E 91 9.20 37.88 24.55
C MET E 91 9.48 38.29 23.10
N TRP E 92 9.69 39.58 22.83
CA TRP E 92 10.21 39.98 21.54
C TRP E 92 11.69 39.67 21.43
N LEU E 93 12.46 39.94 22.50
CA LEU E 93 13.85 39.55 22.51
C LEU E 93 14.01 38.03 22.59
N SER E 94 13.03 37.34 23.17
CA SER E 94 13.03 35.88 23.14
C SER E 94 12.90 35.36 21.72
N TYR E 95 12.12 36.06 20.89
CA TYR E 95 12.07 35.73 19.47
C TYR E 95 13.42 35.96 18.79
N PHE E 96 14.08 37.08 19.11
CA PHE E 96 15.38 37.38 18.52
C PHE E 96 16.43 36.37 18.95
N ILE E 97 16.41 35.97 20.22
CA ILE E 97 17.36 34.97 20.71
C ILE E 97 17.12 33.64 20.03
N ALA E 98 15.85 33.22 19.92
CA ALA E 98 15.53 31.91 19.36
C ALA E 98 15.79 31.88 17.85
N SER E 99 15.56 33.00 17.15
CA SER E 99 15.74 33.01 15.70
C SER E 99 17.22 33.06 15.31
N PHE E 100 18.03 33.83 16.04
CA PHE E 100 19.45 33.89 15.72
C PHE E 100 20.15 32.58 16.04
N ARG E 101 19.70 31.87 17.07
CA ARG E 101 20.18 30.51 17.28
C ARG E 101 19.77 29.58 16.14
N LEU E 102 18.55 29.76 15.63
CA LEU E 102 18.11 28.98 14.47
C LEU E 102 18.85 29.42 13.21
N PHE E 103 19.17 30.71 13.10
CA PHE E 103 19.91 31.19 11.94
C PHE E 103 21.34 30.67 11.94
N ALA E 104 21.92 30.41 13.12
CA ALA E 104 23.26 29.85 13.17
C ALA E 104 23.31 28.44 12.60
N ARG E 105 22.31 27.61 12.91
CA ARG E 105 22.29 26.24 12.43
C ARG E 105 21.91 26.15 10.96
N THR E 106 20.90 26.92 10.53
CA THR E 106 20.35 26.76 9.20
C THR E 106 20.96 27.71 8.18
N ARG E 107 21.38 28.90 8.59
CA ARG E 107 21.92 29.93 7.70
C ARG E 107 20.95 30.28 6.58
N SER E 108 19.66 30.37 6.92
CA SER E 108 18.62 30.73 5.98
C SER E 108 17.80 31.88 6.55
N MET E 109 17.29 32.73 5.65
CA MET E 109 16.56 33.92 6.05
C MET E 109 15.15 33.61 6.55
N TRP E 110 14.68 32.37 6.41
CA TRP E 110 13.39 31.98 6.96
C TRP E 110 13.43 31.75 8.46
N SER E 111 14.62 31.73 9.07
CA SER E 111 14.73 31.52 10.50
C SER E 111 14.17 32.68 11.31
N PHE E 112 14.00 33.85 10.68
CA PHE E 112 13.48 35.03 11.36
C PHE E 112 11.98 35.19 11.21
N ASN E 113 11.27 34.15 10.74
CA ASN E 113 9.83 34.20 10.71
C ASN E 113 9.27 34.28 12.13
N PRO E 114 8.25 35.09 12.36
CA PRO E 114 7.80 35.32 13.73
C PRO E 114 6.78 34.30 14.22
N GLU E 115 6.53 33.25 13.45
CA GLU E 115 5.50 32.28 13.80
C GLU E 115 6.05 31.02 14.46
N THR E 116 7.28 30.62 14.12
CA THR E 116 7.85 29.42 14.71
C THR E 116 9.37 29.49 14.62
N ASN E 117 10.03 28.64 15.41
CA ASN E 117 11.48 28.53 15.43
C ASN E 117 11.96 27.22 14.81
N ILE E 118 11.12 26.62 13.96
CA ILE E 118 11.42 25.34 13.33
C ILE E 118 11.24 25.51 11.83
N LEU E 119 12.21 25.03 11.05
CA LEU E 119 12.20 25.17 9.60
C LEU E 119 12.04 23.81 8.94
N LEU E 120 11.33 23.81 7.81
CA LEU E 120 11.09 22.62 7.01
C LEU E 120 11.79 22.78 5.67
N ASN E 121 12.70 21.87 5.37
CA ASN E 121 13.50 21.92 4.14
C ASN E 121 13.01 20.83 3.19
N VAL E 122 12.39 21.24 2.09
CA VAL E 122 11.87 20.32 1.09
C VAL E 122 12.67 20.51 -0.20
N PRO E 123 13.38 19.49 -0.68
CA PRO E 123 14.16 19.61 -1.93
C PRO E 123 13.32 19.45 -3.19
N LEU E 124 12.69 20.55 -3.60
CA LEU E 124 11.83 20.56 -4.78
C LEU E 124 12.44 21.44 -5.85
N HIS E 125 12.39 20.97 -7.11
CA HIS E 125 12.95 21.66 -8.26
C HIS E 125 14.46 21.86 -8.14
N GLY E 126 15.14 20.93 -7.46
CA GLY E 126 16.57 21.03 -7.29
C GLY E 126 16.99 21.80 -6.05
N THR E 127 16.73 23.11 -6.05
CA THR E 127 17.07 23.95 -4.91
C THR E 127 16.13 23.65 -3.74
N ILE E 128 16.69 23.51 -2.55
CA ILE E 128 15.91 23.16 -1.37
C ILE E 128 14.96 24.31 -1.03
N LEU E 129 13.68 23.99 -0.87
CA LEU E 129 12.65 24.96 -0.50
C LEU E 129 12.47 24.92 1.01
N THR E 130 12.96 25.94 1.69
CA THR E 130 12.88 26.01 3.15
C THR E 130 11.66 26.84 3.56
N ARG E 131 10.83 26.26 4.42
CA ARG E 131 9.60 26.90 4.90
C ARG E 131 9.51 26.72 6.40
N PRO E 132 8.85 27.65 7.09
CA PRO E 132 8.63 27.46 8.53
C PRO E 132 7.69 26.30 8.81
N LEU E 133 7.95 25.60 9.91
CA LEU E 133 7.14 24.46 10.31
C LEU E 133 6.70 24.66 11.75
N LEU E 134 5.39 24.67 11.98
CA LEU E 134 4.86 24.96 13.31
C LEU E 134 4.99 23.77 14.26
N GLU E 135 4.80 22.56 13.76
CA GLU E 135 4.68 21.37 14.63
C GLU E 135 5.98 20.57 14.69
N SER E 136 6.49 20.13 13.54
CA SER E 136 7.66 19.24 13.44
C SER E 136 7.42 17.96 14.23
N GLU E 137 6.39 17.23 13.82
CA GLU E 137 6.02 15.99 14.48
C GLU E 137 6.75 14.82 13.84
N LEU E 138 6.42 13.59 14.27
CA LEU E 138 7.06 12.40 13.70
C LEU E 138 6.67 12.21 12.24
N VAL E 139 5.40 12.43 11.91
CA VAL E 139 4.88 12.19 10.57
C VAL E 139 4.52 13.52 9.94
N ILE E 140 5.01 13.75 8.72
CA ILE E 140 4.73 14.96 7.96
C ILE E 140 3.94 14.55 6.72
N GLY E 141 2.78 15.17 6.53
CA GLY E 141 1.92 14.83 5.41
C GLY E 141 2.18 15.71 4.21
N ALA E 142 2.34 15.10 3.05
CA ALA E 142 2.59 15.79 1.79
C ALA E 142 1.42 15.54 0.85
N VAL E 143 0.60 16.57 0.63
CA VAL E 143 -0.57 16.48 -0.22
C VAL E 143 -0.23 17.07 -1.57
N ILE E 144 -0.43 16.28 -2.63
CA ILE E 144 -0.28 16.77 -4.00
C ILE E 144 -1.68 16.97 -4.57
N LEU E 145 -1.99 18.19 -4.99
CA LEU E 145 -3.29 18.53 -5.53
C LEU E 145 -3.10 19.19 -6.90
N ARG E 146 -3.72 18.60 -7.92
CA ARG E 146 -3.60 19.05 -9.32
C ARG E 146 -2.14 19.14 -9.74
N GLY E 147 -1.33 18.21 -9.24
CA GLY E 147 0.10 18.23 -9.53
C GLY E 147 0.86 19.31 -8.80
N HIS E 148 0.32 19.85 -7.72
CA HIS E 148 1.01 20.86 -6.92
C HIS E 148 1.18 20.35 -5.50
N LEU E 149 2.40 20.38 -5.01
CA LEU E 149 2.72 19.86 -3.68
C LEU E 149 2.52 20.93 -2.63
N ARG E 150 1.83 20.56 -1.55
CA ARG E 150 1.71 21.41 -0.36
C ARG E 150 2.03 20.56 0.86
N ILE E 151 3.11 20.90 1.55
CA ILE E 151 3.57 20.16 2.73
C ILE E 151 3.33 21.04 3.96
N ALA E 152 2.55 20.52 4.90
CA ALA E 152 2.23 21.21 6.16
C ALA E 152 1.61 22.57 5.91
N GLY E 153 0.74 22.66 4.90
CA GLY E 153 0.08 23.91 4.58
C GLY E 153 0.93 24.90 3.82
N HIS E 154 2.11 24.50 3.34
CA HIS E 154 2.99 25.36 2.57
C HIS E 154 2.97 24.89 1.13
N HIS E 155 2.29 25.64 0.26
CA HIS E 155 2.24 25.31 -1.16
C HIS E 155 3.62 25.54 -1.77
N LEU E 156 4.28 24.46 -2.17
CA LEU E 156 5.67 24.53 -2.61
C LEU E 156 5.80 24.71 -4.12
N GLY E 157 4.91 24.12 -4.91
CA GLY E 157 4.94 24.31 -6.33
C GLY E 157 4.63 23.03 -7.06
N ARG E 158 4.97 23.01 -8.35
CA ARG E 158 4.66 21.87 -9.21
C ARG E 158 5.46 20.64 -8.79
N CYS E 159 4.75 19.54 -8.57
CA CYS E 159 5.39 18.28 -8.20
C CYS E 159 4.45 17.13 -8.53
N ASP E 160 5.03 16.00 -8.91
CA ASP E 160 4.29 14.79 -9.22
C ASP E 160 4.58 13.73 -8.17
N ILE E 161 3.76 12.67 -8.18
CA ILE E 161 3.97 11.55 -7.27
C ILE E 161 5.33 10.91 -7.54
N LYS E 162 5.68 10.73 -8.81
CA LYS E 162 6.98 10.19 -9.17
C LYS E 162 8.10 11.20 -8.91
N ASP E 163 7.79 12.49 -8.81
CA ASP E 163 8.78 13.52 -8.56
C ASP E 163 8.79 14.00 -7.12
N LEU E 164 8.14 13.27 -6.22
CA LEU E 164 8.16 13.65 -4.81
C LEU E 164 9.57 13.49 -4.24
N PRO E 165 9.99 14.38 -3.35
CA PRO E 165 11.31 14.22 -2.72
C PRO E 165 11.36 12.96 -1.87
N LYS E 166 12.42 12.16 -2.08
CA LYS E 166 12.58 10.93 -1.33
C LYS E 166 12.97 11.19 0.12
N GLU E 167 13.42 12.40 0.45
CA GLU E 167 13.81 12.74 1.81
C GLU E 167 13.71 14.25 2.00
N ILE E 168 12.97 14.68 3.00
CA ILE E 168 12.96 16.07 3.43
C ILE E 168 13.55 16.14 4.82
N THR E 169 14.10 17.30 5.17
CA THR E 169 14.69 17.52 6.48
C THR E 169 13.95 18.66 7.18
N VAL E 170 13.90 18.57 8.50
CA VAL E 170 13.27 19.60 9.32
C VAL E 170 14.30 20.07 10.34
N ALA E 171 14.68 21.35 10.25
CA ALA E 171 15.77 21.90 11.03
C ALA E 171 15.22 22.83 12.09
N THR E 172 15.54 22.55 13.35
CA THR E 172 15.22 23.44 14.46
C THR E 172 16.49 23.72 15.25
N SER E 173 16.35 24.36 16.41
CA SER E 173 17.52 24.63 17.24
C SER E 173 18.01 23.34 17.89
N ARG E 174 19.30 23.06 17.74
CA ARG E 174 19.98 21.93 18.37
C ARG E 174 19.41 20.58 17.94
N THR E 175 18.74 20.52 16.78
CA THR E 175 18.16 19.28 16.30
C THR E 175 17.86 19.41 14.82
N LEU E 176 18.31 18.43 14.03
CA LEU E 176 17.97 18.34 12.61
C LEU E 176 17.33 16.99 12.38
N SER E 177 16.03 16.99 12.07
CA SER E 177 15.26 15.77 11.92
C SER E 177 15.11 15.44 10.44
N TYR E 178 15.66 14.30 10.03
CA TYR E 178 15.56 13.85 8.65
C TYR E 178 14.31 13.00 8.49
N TYR E 179 13.54 13.25 7.44
CA TYR E 179 12.27 12.57 7.21
C TYR E 179 12.37 11.74 5.94
N LYS E 180 11.65 10.63 5.92
CA LYS E 180 11.73 9.65 4.85
C LYS E 180 10.37 9.47 4.19
N LEU E 181 10.35 9.42 2.86
CA LEU E 181 9.11 9.20 2.12
C LEU E 181 8.59 7.79 2.38
N GLY E 182 7.51 7.69 3.14
CA GLY E 182 6.96 6.39 3.50
C GLY E 182 6.33 5.66 2.34
N ALA E 183 5.21 6.18 1.84
CA ALA E 183 4.51 5.56 0.73
C ALA E 183 3.68 6.62 0.03
N SER E 184 3.79 6.69 -1.29
CA SER E 184 3.07 7.66 -2.10
C SER E 184 1.90 6.97 -2.79
N GLN E 185 0.70 7.52 -2.60
CA GLN E 185 -0.51 7.00 -3.22
C GLN E 185 -1.06 8.05 -4.17
N ARG E 186 -1.36 7.64 -5.40
CA ARG E 186 -1.89 8.53 -6.42
C ARG E 186 -3.42 8.41 -6.45
N VAL E 187 -4.09 9.56 -6.36
CA VAL E 187 -5.55 9.61 -6.36
C VAL E 187 -6.02 10.62 -7.41
N ALA E 188 -7.01 10.22 -8.20
CA ALA E 188 -7.68 11.08 -9.17
C ALA E 188 -6.72 11.66 -10.21
N GLY E 189 -5.70 10.89 -10.59
CA GLY E 189 -4.82 11.31 -11.66
C GLY E 189 -3.67 12.20 -11.24
N ASP E 190 -3.81 13.51 -11.48
CA ASP E 190 -2.74 14.45 -11.16
C ASP E 190 -2.50 14.55 -9.66
N SER E 191 -3.57 14.49 -8.87
CA SER E 191 -3.44 14.60 -7.42
C SER E 191 -2.83 13.33 -6.85
N GLY E 192 -2.49 13.39 -5.56
CA GLY E 192 -1.88 12.25 -4.90
C GLY E 192 -1.69 12.53 -3.42
N PHE E 193 -1.04 11.58 -2.75
CA PHE E 193 -0.81 11.69 -1.32
C PHE E 193 0.40 10.86 -0.93
N ALA E 194 1.18 11.38 0.02
CA ALA E 194 2.32 10.67 0.56
C ALA E 194 2.58 11.16 1.97
N ALA E 195 3.37 10.38 2.72
CA ALA E 195 3.67 10.70 4.11
C ALA E 195 5.18 10.66 4.32
N TYR E 196 5.65 11.52 5.21
CA TYR E 196 7.07 11.62 5.54
C TYR E 196 7.25 11.26 7.01
N SER E 197 7.70 10.04 7.27
CA SER E 197 7.97 9.59 8.62
C SER E 197 9.45 9.81 8.94
N ARG E 198 9.71 10.44 10.08
CA ARG E 198 11.08 10.74 10.49
C ARG E 198 11.85 9.44 10.72
N TYR E 199 13.06 9.38 10.19
CA TYR E 199 13.87 8.18 10.33
C TYR E 199 15.19 8.39 11.06
N ARG E 200 15.70 9.61 11.15
CA ARG E 200 16.87 9.88 11.98
C ARG E 200 16.87 11.34 12.42
N ILE E 201 17.67 11.63 13.44
CA ILE E 201 17.78 12.95 14.02
C ILE E 201 19.24 13.35 14.06
N GLY E 202 19.57 14.47 13.43
CA GLY E 202 20.91 15.03 13.51
C GLY E 202 21.08 15.98 14.67
N ASN E 203 21.17 15.44 15.88
CA ASN E 203 21.35 16.28 17.07
C ASN E 203 22.64 17.07 16.98
N TYR E 204 22.51 18.40 16.92
CA TYR E 204 23.65 19.29 16.81
C TYR E 204 24.51 19.25 18.06
N LEU F 16 -11.33 59.54 26.56
CA LEU F 16 -9.89 59.64 26.33
C LEU F 16 -9.40 58.58 25.37
N LEU F 17 -8.38 58.91 24.58
CA LEU F 17 -7.74 57.93 23.72
C LEU F 17 -6.71 57.09 24.46
N GLU F 18 -6.29 57.53 25.65
CA GLU F 18 -5.31 56.79 26.42
C GLU F 18 -5.87 55.46 26.90
N GLN F 19 -7.12 55.45 27.36
CA GLN F 19 -7.74 54.19 27.77
C GLN F 19 -8.04 53.30 26.58
N TRP F 20 -8.35 53.89 25.42
CA TRP F 20 -8.52 53.10 24.21
C TRP F 20 -7.17 52.58 23.70
N ASN F 21 -6.08 53.28 24.03
CA ASN F 21 -4.75 52.80 23.69
C ASN F 21 -4.43 51.53 24.49
N LEU F 22 -4.80 51.51 25.77
CA LEU F 22 -4.52 50.34 26.60
C LEU F 22 -5.32 49.13 26.18
N VAL F 23 -6.56 49.33 25.71
CA VAL F 23 -7.38 48.21 25.25
C VAL F 23 -6.77 47.58 24.01
N ILE F 24 -6.31 48.41 23.06
CA ILE F 24 -5.68 47.89 21.85
C ILE F 24 -4.37 47.18 22.19
N GLY F 25 -3.61 47.73 23.15
CA GLY F 25 -2.38 47.07 23.57
C GLY F 25 -2.61 45.69 24.13
N PHE F 26 -3.72 45.49 24.84
CA PHE F 26 -4.08 44.16 25.33
C PHE F 26 -4.62 43.28 24.21
N LEU F 27 -5.28 43.86 23.21
CA LEU F 27 -5.69 43.09 22.04
C LEU F 27 -4.48 42.56 21.29
N PHE F 28 -3.48 43.41 21.07
CA PHE F 28 -2.24 42.97 20.44
C PHE F 28 -1.50 41.96 21.31
N LEU F 29 -1.45 42.22 22.62
CA LEU F 29 -0.77 41.30 23.53
C LEU F 29 -1.44 39.93 23.57
N THR F 30 -2.78 39.91 23.48
CA THR F 30 -3.51 38.65 23.51
C THR F 30 -3.13 37.77 22.32
N TRP F 31 -3.08 38.34 21.12
CA TRP F 31 -2.72 37.56 19.95
C TRP F 31 -1.26 37.12 20.00
N ILE F 32 -0.38 38.00 20.47
CA ILE F 32 1.04 37.66 20.56
C ILE F 32 1.24 36.46 21.48
N CYS F 33 0.48 36.40 22.58
CA CYS F 33 0.48 35.19 23.40
C CYS F 33 -0.11 34.00 22.63
N LEU F 34 -1.17 34.24 21.86
CA LEU F 34 -1.76 33.17 21.04
C LEU F 34 -0.89 32.83 19.83
N LEU F 35 0.03 33.72 19.45
CA LEU F 35 0.91 33.48 18.30
C LEU F 35 2.25 32.89 18.70
N GLN F 36 2.63 32.96 19.97
CA GLN F 36 3.92 32.48 20.43
C GLN F 36 3.83 31.31 21.39
N PHE F 37 2.87 31.31 22.31
CA PHE F 37 2.76 30.23 23.29
C PHE F 37 1.60 29.28 23.03
N ALA F 38 0.61 29.68 22.22
CA ALA F 38 -0.55 28.84 21.96
C ALA F 38 -0.83 28.70 20.47
N TYR F 39 0.19 28.86 19.62
CA TYR F 39 0.01 28.71 18.19
C TYR F 39 -0.11 27.24 17.79
N ALA F 40 0.90 26.45 18.13
CA ALA F 40 0.88 25.03 17.80
C ALA F 40 -0.18 24.29 18.59
N ASN F 41 -0.41 24.71 19.84
CA ASN F 41 -1.41 24.09 20.70
C ASN F 41 -2.80 24.20 20.08
N ARG F 42 -3.52 23.08 20.04
CA ARG F 42 -4.82 23.01 19.39
C ARG F 42 -5.90 22.55 20.37
N ASN F 43 -5.80 22.95 21.63
CA ASN F 43 -6.84 22.72 22.61
C ASN F 43 -8.15 23.37 22.16
N ARG F 44 -9.25 22.62 22.27
CA ARG F 44 -10.52 23.10 21.72
C ARG F 44 -10.99 24.37 22.41
N PHE F 45 -10.82 24.46 23.73
CA PHE F 45 -11.14 25.70 24.43
C PHE F 45 -10.20 26.82 23.99
N LEU F 46 -8.91 26.50 23.82
CA LEU F 46 -7.95 27.49 23.33
C LEU F 46 -8.27 27.90 21.90
N TYR F 47 -8.64 26.94 21.06
CA TYR F 47 -8.96 27.23 19.67
C TYR F 47 -10.18 28.15 19.58
N ILE F 48 -11.18 27.91 20.42
CA ILE F 48 -12.35 28.78 20.46
C ILE F 48 -11.96 30.19 20.90
N ILE F 49 -11.08 30.29 21.90
CA ILE F 49 -10.60 31.59 22.36
C ILE F 49 -9.90 32.34 21.22
N LYS F 50 -9.10 31.61 20.44
CA LYS F 50 -8.49 32.21 19.25
C LYS F 50 -9.53 32.68 18.26
N LEU F 51 -10.57 31.86 18.03
CA LEU F 51 -11.65 32.24 17.13
C LEU F 51 -12.47 33.38 17.72
N ILE F 52 -12.65 33.39 19.04
CA ILE F 52 -13.34 34.51 19.69
C ILE F 52 -12.56 35.81 19.49
N PHE F 53 -11.24 35.74 19.63
CA PHE F 53 -10.41 36.92 19.41
C PHE F 53 -10.48 37.39 17.95
N LEU F 54 -10.43 36.44 17.01
CA LEU F 54 -10.50 36.82 15.60
C LEU F 54 -11.88 37.35 15.23
N TRP F 55 -12.92 36.92 15.93
CA TRP F 55 -14.25 37.47 15.68
C TRP F 55 -14.33 38.92 16.14
N LEU F 56 -13.81 39.22 17.34
CA LEU F 56 -13.85 40.59 17.83
C LEU F 56 -12.84 41.48 17.13
N LEU F 57 -12.02 40.94 16.23
CA LEU F 57 -11.13 41.76 15.45
C LEU F 57 -11.88 42.62 14.44
N TRP F 58 -13.12 42.27 14.11
CA TRP F 58 -13.93 43.06 13.19
C TRP F 58 -14.55 44.28 13.88
N PRO F 59 -15.18 44.15 15.07
CA PRO F 59 -15.63 45.38 15.75
C PRO F 59 -14.51 46.33 16.13
N VAL F 60 -13.34 45.81 16.53
CA VAL F 60 -12.25 46.70 16.93
C VAL F 60 -11.55 47.30 15.72
N THR F 61 -11.67 46.69 14.54
CA THR F 61 -11.24 47.36 13.32
C THR F 61 -12.22 48.46 12.93
N LEU F 62 -13.51 48.20 13.11
CA LEU F 62 -14.53 49.21 12.87
C LEU F 62 -14.46 50.33 13.91
N ALA F 63 -14.13 49.99 15.16
CA ALA F 63 -14.07 51.00 16.21
C ALA F 63 -12.94 51.99 15.97
N CYS F 64 -11.80 51.50 15.45
CA CYS F 64 -10.69 52.39 15.15
C CYS F 64 -11.04 53.39 14.06
N PHE F 65 -11.76 52.93 13.03
CA PHE F 65 -12.13 53.82 11.93
C PHE F 65 -13.29 54.74 12.29
N VAL F 66 -14.22 54.27 13.12
CA VAL F 66 -15.31 55.14 13.56
C VAL F 66 -14.78 56.26 14.45
N LEU F 67 -13.84 55.94 15.35
CA LEU F 67 -13.20 56.96 16.17
C LEU F 67 -12.44 57.96 15.32
N ALA F 68 -11.76 57.48 14.27
CA ALA F 68 -11.08 58.39 13.36
C ALA F 68 -12.06 59.14 12.47
N ALA F 69 -13.23 58.57 12.21
CA ALA F 69 -14.24 59.27 11.43
C ALA F 69 -14.92 60.37 12.24
N VAL F 70 -15.27 60.09 13.49
CA VAL F 70 -15.95 61.08 14.33
C VAL F 70 -14.97 62.11 14.86
N TYR F 71 -13.89 61.65 15.49
CA TYR F 71 -12.87 62.55 16.02
C TYR F 71 -11.74 62.69 15.00
N ARG F 72 -12.10 63.27 13.86
CA ARG F 72 -11.20 63.37 12.72
C ARG F 72 -10.14 64.43 12.95
N ILE F 73 -9.02 64.28 12.23
CA ILE F 73 -7.94 65.26 12.22
C ILE F 73 -8.21 66.23 11.08
N ASN F 74 -8.30 65.70 9.86
CA ASN F 74 -8.58 66.48 8.67
C ASN F 74 -9.66 65.76 7.87
N TRP F 75 -10.29 66.48 6.94
CA TRP F 75 -11.33 65.88 6.12
C TRP F 75 -10.78 64.80 5.21
N ILE F 76 -9.50 64.89 4.85
CA ILE F 76 -8.86 63.81 4.09
C ILE F 76 -8.68 62.58 4.97
N THR F 77 -8.21 62.78 6.21
CA THR F 77 -8.04 61.66 7.13
C THR F 77 -9.40 61.11 7.56
N GLY F 78 -10.34 61.99 7.91
CA GLY F 78 -11.65 61.52 8.29
C GLY F 78 -12.41 60.90 7.14
N GLY F 79 -12.22 61.42 5.92
CA GLY F 79 -12.92 60.88 4.77
C GLY F 79 -12.50 59.46 4.44
N ILE F 80 -11.20 59.17 4.57
CA ILE F 80 -10.72 57.81 4.37
C ILE F 80 -11.28 56.89 5.45
N ALA F 81 -11.30 57.36 6.70
CA ALA F 81 -11.81 56.54 7.79
C ALA F 81 -13.30 56.24 7.63
N ILE F 82 -14.05 57.16 7.03
CA ILE F 82 -15.45 56.88 6.72
C ILE F 82 -15.55 55.77 5.68
N ALA F 83 -14.73 55.85 4.63
CA ALA F 83 -14.75 54.82 3.60
C ALA F 83 -14.23 53.48 4.13
N MET F 84 -13.17 53.52 4.95
CA MET F 84 -12.62 52.28 5.49
C MET F 84 -13.56 51.64 6.50
N ALA F 85 -14.30 52.44 7.27
CA ALA F 85 -15.30 51.87 8.17
C ALA F 85 -16.40 51.16 7.40
N CYS F 86 -16.79 51.73 6.25
CA CYS F 86 -17.73 51.02 5.38
C CYS F 86 -17.09 49.77 4.79
N LEU F 87 -15.80 49.84 4.47
CA LEU F 87 -15.11 48.68 3.92
C LEU F 87 -15.06 47.53 4.93
N VAL F 88 -14.72 47.84 6.18
CA VAL F 88 -14.74 46.81 7.21
C VAL F 88 -16.17 46.38 7.52
N GLY F 89 -17.11 47.34 7.50
CA GLY F 89 -18.49 47.00 7.73
C GLY F 89 -19.07 46.09 6.66
N LEU F 90 -18.71 46.34 5.39
CA LEU F 90 -19.13 45.44 4.33
C LEU F 90 -18.48 44.08 4.45
N MET F 91 -17.19 44.04 4.85
CA MET F 91 -16.52 42.77 5.04
C MET F 91 -17.06 42.03 6.27
N TRP F 92 -17.52 42.77 7.28
CA TRP F 92 -18.09 42.12 8.46
C TRP F 92 -19.45 41.52 8.14
N LEU F 93 -20.28 42.24 7.37
CA LEU F 93 -21.57 41.69 6.98
C LEU F 93 -21.42 40.54 6.00
N SER F 94 -20.36 40.55 5.18
CA SER F 94 -20.09 39.41 4.31
C SER F 94 -19.75 38.16 5.12
N TYR F 95 -19.14 38.34 6.30
CA TYR F 95 -18.95 37.22 7.21
C TYR F 95 -20.29 36.73 7.77
N PHE F 96 -21.16 37.65 8.17
CA PHE F 96 -22.45 37.27 8.73
C PHE F 96 -23.34 36.60 7.69
N ILE F 97 -23.31 37.11 6.45
CA ILE F 97 -24.11 36.51 5.38
C ILE F 97 -23.60 35.11 5.07
N ALA F 98 -22.29 34.94 4.97
CA ALA F 98 -21.73 33.64 4.61
C ALA F 98 -21.89 32.63 5.75
N SER F 99 -21.80 33.09 7.00
CA SER F 99 -21.92 32.17 8.12
C SER F 99 -23.35 31.70 8.34
N PHE F 100 -24.31 32.63 8.24
CA PHE F 100 -25.71 32.24 8.42
C PHE F 100 -26.20 31.37 7.27
N ARG F 101 -25.70 31.60 6.05
CA ARG F 101 -25.97 30.66 4.97
C ARG F 101 -25.33 29.30 5.23
N LEU F 102 -24.12 29.30 5.81
CA LEU F 102 -23.51 28.05 6.21
C LEU F 102 -24.24 27.42 7.39
N PHE F 103 -24.74 28.24 8.32
CA PHE F 103 -25.46 27.72 9.47
C PHE F 103 -26.78 27.09 9.06
N ALA F 104 -27.39 27.55 7.96
CA ALA F 104 -28.62 26.94 7.49
C ALA F 104 -28.39 25.51 7.02
N ARG F 105 -27.30 25.27 6.30
CA ARG F 105 -27.04 23.93 5.79
C ARG F 105 -26.59 22.99 6.89
N THR F 106 -25.68 23.44 7.75
CA THR F 106 -25.03 22.55 8.71
C THR F 106 -25.72 22.50 10.07
N ARG F 107 -26.35 23.60 10.48
CA ARG F 107 -26.92 23.74 11.82
C ARG F 107 -25.87 23.47 12.91
N SER F 108 -24.65 23.96 12.66
CA SER F 108 -23.53 23.78 13.57
C SER F 108 -23.04 25.14 14.05
N MET F 109 -22.70 25.22 15.33
CA MET F 109 -22.21 26.47 15.92
C MET F 109 -20.79 26.81 15.49
N TRP F 110 -20.09 25.91 14.82
CA TRP F 110 -18.79 26.22 14.25
C TRP F 110 -18.89 27.00 12.95
N SER F 111 -20.09 27.16 12.40
CA SER F 111 -20.27 27.91 11.16
C SER F 111 -19.97 29.39 11.33
N PHE F 112 -19.96 29.90 12.56
CA PHE F 112 -19.71 31.29 12.84
C PHE F 112 -18.24 31.59 13.13
N ASN F 113 -17.35 30.64 12.87
CA ASN F 113 -15.93 30.91 13.03
C ASN F 113 -15.50 31.97 12.02
N PRO F 114 -14.66 32.92 12.41
CA PRO F 114 -14.36 34.06 11.54
C PRO F 114 -13.20 33.82 10.60
N GLU F 115 -12.75 32.57 10.46
CA GLU F 115 -11.60 32.28 9.62
C GLU F 115 -11.93 31.58 8.31
N THR F 116 -13.07 30.88 8.23
CA THR F 116 -13.44 30.19 7.00
C THR F 116 -14.94 29.91 7.04
N ASN F 117 -15.50 29.63 5.86
CA ASN F 117 -16.91 29.32 5.70
C ASN F 117 -17.13 27.86 5.31
N ILE F 118 -16.18 26.99 5.64
CA ILE F 118 -16.24 25.58 5.31
C ILE F 118 -16.00 24.78 6.58
N LEU F 119 -16.84 23.77 6.81
CA LEU F 119 -16.76 22.94 8.01
C LEU F 119 -16.29 21.53 7.67
N LEU F 120 -15.51 20.95 8.57
CA LEU F 120 -14.99 19.60 8.44
C LEU F 120 -15.64 18.73 9.51
N ASN F 121 -16.35 17.69 9.09
CA ASN F 121 -17.10 16.81 9.99
C ASN F 121 -16.37 15.46 10.06
N VAL F 122 -15.76 15.18 11.21
CA VAL F 122 -15.04 13.94 11.42
C VAL F 122 -15.78 13.14 12.49
N PRO F 123 -16.30 11.96 12.16
CA PRO F 123 -17.00 11.12 13.16
C PRO F 123 -16.06 10.34 14.08
N LEU F 124 -15.61 11.01 15.13
CA LEU F 124 -14.70 10.42 16.10
C LEU F 124 -15.39 10.28 17.45
N HIS F 125 -15.19 9.14 18.10
CA HIS F 125 -15.80 8.80 19.38
C HIS F 125 -17.33 8.79 19.31
N GLY F 126 -17.87 8.45 18.15
CA GLY F 126 -19.31 8.39 17.97
C GLY F 126 -19.92 9.69 17.49
N THR F 127 -19.83 10.74 18.32
CA THR F 127 -20.37 12.04 17.96
C THR F 127 -19.48 12.70 16.92
N ILE F 128 -20.10 13.29 15.89
CA ILE F 128 -19.34 13.94 14.83
C ILE F 128 -18.61 15.15 15.38
N LEU F 129 -17.31 15.24 15.11
CA LEU F 129 -16.46 16.34 15.57
C LEU F 129 -16.34 17.36 14.43
N THR F 130 -17.21 18.35 14.44
CA THR F 130 -17.20 19.39 13.41
C THR F 130 -16.10 20.41 13.72
N ARG F 131 -15.30 20.73 12.71
CA ARG F 131 -14.22 21.69 12.83
C ARG F 131 -14.18 22.56 11.59
N PRO F 132 -13.71 23.82 11.71
CA PRO F 132 -13.55 24.65 10.53
C PRO F 132 -12.46 24.09 9.61
N LEU F 133 -12.68 24.23 8.31
CA LEU F 133 -11.74 23.79 7.29
C LEU F 133 -11.45 24.96 6.35
N LEU F 134 -10.17 25.19 6.07
CA LEU F 134 -9.78 26.38 5.34
C LEU F 134 -9.96 26.20 3.83
N GLU F 135 -9.39 25.14 3.26
CA GLU F 135 -9.32 25.00 1.81
C GLU F 135 -10.39 24.07 1.23
N SER F 136 -10.71 22.97 1.91
CA SER F 136 -11.63 21.94 1.41
C SER F 136 -11.18 21.40 0.06
N GLU F 137 -10.01 20.78 0.07
CA GLU F 137 -9.39 20.27 -1.14
C GLU F 137 -9.96 18.89 -1.49
N LEU F 138 -9.47 18.34 -2.60
CA LEU F 138 -9.86 16.99 -3.01
C LEU F 138 -9.36 15.94 -2.02
N VAL F 139 -8.14 16.13 -1.51
CA VAL F 139 -7.52 15.19 -0.59
C VAL F 139 -7.34 15.87 0.76
N ILE F 140 -7.80 15.20 1.81
CA ILE F 140 -7.73 15.70 3.18
C ILE F 140 -6.75 14.82 3.95
N GLY F 141 -5.82 15.46 4.66
CA GLY F 141 -4.75 14.74 5.33
C GLY F 141 -5.08 14.44 6.78
N ALA F 142 -5.01 13.16 7.14
CA ALA F 142 -5.20 12.71 8.51
C ALA F 142 -3.90 12.14 9.04
N VAL F 143 -3.41 12.69 10.14
CA VAL F 143 -2.17 12.26 10.76
C VAL F 143 -2.48 11.81 12.18
N ILE F 144 -2.00 10.63 12.55
CA ILE F 144 -2.14 10.09 13.90
C ILE F 144 -0.77 10.14 14.55
N LEU F 145 -0.68 10.79 15.70
CA LEU F 145 0.58 10.97 16.42
C LEU F 145 0.38 10.53 17.87
N ARG F 146 1.12 9.49 18.27
CA ARG F 146 1.02 8.90 19.61
C ARG F 146 -0.41 8.46 19.90
N GLY F 147 -1.11 7.99 18.87
CA GLY F 147 -2.49 7.59 19.00
C GLY F 147 -3.50 8.70 18.99
N HIS F 148 -3.08 9.94 18.73
CA HIS F 148 -3.97 11.08 18.70
C HIS F 148 -4.11 11.58 17.26
N LEU F 149 -5.35 11.67 16.79
CA LEU F 149 -5.64 12.05 15.42
C LEU F 149 -5.69 13.57 15.28
N ARG F 150 -5.02 14.08 14.25
CA ARG F 150 -5.16 15.48 13.85
C ARG F 150 -5.43 15.51 12.36
N ILE F 151 -6.55 16.12 11.97
CA ILE F 151 -6.96 16.22 10.57
C ILE F 151 -6.96 17.69 10.19
N ALA F 152 -6.11 18.03 9.20
CA ALA F 152 -5.99 19.39 8.68
C ALA F 152 -5.67 20.40 9.78
N GLY F 153 -4.78 20.01 10.69
CA GLY F 153 -4.38 20.90 11.77
C GLY F 153 -5.39 21.04 12.89
N HIS F 154 -6.27 20.07 13.06
CA HIS F 154 -7.27 20.07 14.14
C HIS F 154 -7.06 18.82 14.97
N HIS F 155 -6.52 18.98 16.18
CA HIS F 155 -6.28 17.85 17.06
C HIS F 155 -7.60 17.32 17.61
N LEU F 156 -8.16 16.31 16.93
CA LEU F 156 -9.49 15.84 17.26
C LEU F 156 -9.51 15.04 18.56
N GLY F 157 -8.55 14.16 18.76
CA GLY F 157 -8.48 13.39 19.98
C GLY F 157 -7.87 12.02 19.73
N ARG F 158 -8.05 11.14 20.71
CA ARG F 158 -7.49 9.80 20.66
C ARG F 158 -8.13 9.00 19.54
N CYS F 159 -7.31 8.39 18.69
CA CYS F 159 -7.79 7.58 17.58
C CYS F 159 -6.63 6.72 17.06
N ASP F 160 -6.89 5.43 16.90
CA ASP F 160 -5.91 4.51 16.35
C ASP F 160 -6.12 4.35 14.86
N ILE F 161 -5.18 3.65 14.22
CA ILE F 161 -5.29 3.37 12.79
C ILE F 161 -6.52 2.51 12.51
N LYS F 162 -6.75 1.49 13.34
CA LYS F 162 -7.93 0.64 13.19
C LYS F 162 -9.22 1.37 13.54
N ASP F 163 -9.13 2.44 14.32
CA ASP F 163 -10.30 3.21 14.73
C ASP F 163 -10.47 4.50 13.92
N LEU F 164 -9.78 4.61 12.80
CA LEU F 164 -9.91 5.79 11.96
C LEU F 164 -11.31 5.86 11.36
N PRO F 165 -11.87 7.06 11.22
CA PRO F 165 -13.18 7.20 10.58
C PRO F 165 -13.13 6.76 9.12
N LYS F 166 -13.93 5.76 8.78
CA LYS F 166 -13.94 5.24 7.41
C LYS F 166 -14.48 6.24 6.42
N GLU F 167 -15.25 7.24 6.86
CA GLU F 167 -15.76 8.28 5.99
C GLU F 167 -15.93 9.56 6.79
N ILE F 168 -15.40 10.66 6.26
CA ILE F 168 -15.63 11.98 6.82
C ILE F 168 -16.29 12.84 5.76
N THR F 169 -17.02 13.86 6.20
CA THR F 169 -17.69 14.78 5.29
C THR F 169 -17.19 16.19 5.54
N VAL F 170 -17.24 17.01 4.49
CA VAL F 170 -16.84 18.41 4.57
C VAL F 170 -17.99 19.24 4.03
N ALA F 171 -18.54 20.11 4.87
CA ALA F 171 -19.74 20.87 4.53
C ALA F 171 -19.40 22.34 4.35
N THR F 172 -19.79 22.88 3.20
CA THR F 172 -19.68 24.31 2.94
C THR F 172 -21.03 24.83 2.47
N SER F 173 -21.07 26.07 2.00
CA SER F 173 -22.32 26.65 1.53
C SER F 173 -22.75 26.00 0.23
N ARG F 174 -23.94 25.40 0.24
CA ARG F 174 -24.57 24.81 -0.95
C ARG F 174 -23.75 23.68 -1.55
N THR F 175 -22.93 23.00 -0.74
CA THR F 175 -22.14 21.87 -1.22
C THR F 175 -21.69 21.05 -0.02
N LEU F 176 -21.96 19.75 -0.06
CA LEU F 176 -21.46 18.80 0.93
C LEU F 176 -20.52 17.83 0.24
N SER F 177 -19.29 17.73 0.73
CA SER F 177 -18.25 16.91 0.12
C SER F 177 -17.98 15.71 1.02
N TYR F 178 -18.31 14.52 0.55
CA TYR F 178 -18.06 13.29 1.28
C TYR F 178 -16.68 12.76 0.92
N TYR F 179 -15.93 12.33 1.94
CA TYR F 179 -14.57 11.84 1.76
C TYR F 179 -14.47 10.40 2.23
N LYS F 180 -13.78 9.58 1.46
CA LYS F 180 -13.59 8.16 1.78
C LYS F 180 -12.15 7.94 2.23
N LEU F 181 -11.97 7.19 3.30
CA LEU F 181 -10.64 6.80 3.74
C LEU F 181 -9.96 5.97 2.67
N GLY F 182 -8.70 6.31 2.37
CA GLY F 182 -7.97 5.61 1.34
C GLY F 182 -7.09 4.51 1.89
N ALA F 183 -5.78 4.75 1.91
CA ALA F 183 -4.83 3.80 2.45
C ALA F 183 -4.26 4.36 3.75
N SER F 184 -4.45 3.63 4.84
CA SER F 184 -3.94 4.03 6.14
C SER F 184 -2.68 3.22 6.44
N GLN F 185 -1.57 3.90 6.71
CA GLN F 185 -0.30 3.27 6.99
C GLN F 185 0.10 3.55 8.43
N ARG F 186 0.43 2.49 9.16
CA ARG F 186 0.88 2.62 10.54
C ARG F 186 2.40 2.74 10.59
N VAL F 187 2.89 3.76 11.27
CA VAL F 187 4.31 4.02 11.38
C VAL F 187 4.67 4.20 12.86
N ALA F 188 5.74 3.52 13.29
CA ALA F 188 6.30 3.68 14.64
C ALA F 188 5.30 3.33 15.73
N GLY F 189 4.45 2.34 15.47
CA GLY F 189 3.56 1.84 16.49
C GLY F 189 2.27 2.62 16.65
N ASP F 190 2.21 3.48 17.67
CA ASP F 190 0.99 4.23 17.96
C ASP F 190 0.69 5.23 16.84
N SER F 191 1.71 5.84 16.27
CA SER F 191 1.51 6.84 15.24
C SER F 191 1.07 6.17 13.93
N GLY F 192 0.70 7.00 12.96
CA GLY F 192 0.25 6.47 11.69
C GLY F 192 -0.13 7.60 10.75
N PHE F 193 -0.67 7.21 9.61
CA PHE F 193 -1.07 8.14 8.57
C PHE F 193 -2.33 7.62 7.88
N ALA F 194 -3.04 8.52 7.20
CA ALA F 194 -4.27 8.16 6.52
C ALA F 194 -4.49 9.09 5.33
N ALA F 195 -5.34 8.64 4.42
CA ALA F 195 -5.67 9.38 3.21
C ALA F 195 -7.17 9.48 3.08
N TYR F 196 -7.67 10.70 2.87
CA TYR F 196 -9.11 10.96 2.71
C TYR F 196 -9.33 11.60 1.35
N SER F 197 -9.50 10.78 0.32
CA SER F 197 -9.80 11.26 -1.02
C SER F 197 -11.30 11.41 -1.18
N ARG F 198 -11.73 12.55 -1.71
CA ARG F 198 -13.15 12.80 -1.90
C ARG F 198 -13.72 11.86 -2.96
N TYR F 199 -14.91 11.32 -2.69
CA TYR F 199 -15.53 10.38 -3.59
C TYR F 199 -16.90 10.78 -4.10
N ARG F 200 -17.62 11.65 -3.41
CA ARG F 200 -18.89 12.15 -3.94
C ARG F 200 -19.17 13.54 -3.42
N ILE F 201 -20.06 14.24 -4.11
CA ILE F 201 -20.43 15.62 -3.82
C ILE F 201 -21.93 15.67 -3.56
N GLY F 202 -22.31 16.10 -2.36
CA GLY F 202 -23.71 16.29 -2.04
C GLY F 202 -24.16 17.73 -2.19
N ASN F 203 -24.05 18.27 -3.40
CA ASN F 203 -24.47 19.65 -3.63
C ASN F 203 -25.98 19.79 -3.51
N TYR F 204 -26.43 20.87 -2.87
CA TYR F 204 -27.85 21.09 -2.66
C TYR F 204 -28.47 21.84 -3.83
CAN 1PX G . 10.44 43.69 8.45
CAQ 1PX G . 11.23 42.82 9.38
CAT 1PX G . 11.54 41.58 8.56
CAW 1PX G . 11.72 40.45 9.54
CAZ 1PX G . 11.64 39.11 8.86
CBB 1PX G . 10.18 38.80 8.61
CBC 1PX G . 10.01 37.40 8.04
CBD 1PX G . 10.98 37.14 6.88
CBE 1PX G . 10.60 35.87 6.15
CBF 1PX G . 11.72 35.43 5.21
CBG 1PX G . 12.13 36.53 4.25
CBH 1PX G . 12.97 35.94 3.11
CBI 1PX G . 12.65 34.50 2.75
CBM 1PX G . 13.19 34.29 1.35
OAC 1PX G . 14.30 34.62 0.94
NBK 1PX G . 12.26 33.67 0.60
CBO 1PX G . 12.39 33.29 -0.79
CBJ 1PX G . 12.10 31.80 -0.56
OBL 1PX G . 13.31 31.28 -0.87
PBP 1PX G . 13.28 29.63 -0.99
OAF 1PX G . 12.09 29.27 -0.06
OAG 1PX G . 12.90 29.64 -2.47
OAD 1PX G . 14.66 29.61 -0.47
CBN 1PX G . 11.20 33.83 -1.58
OAE 1PX G . 11.10 33.23 -2.82
CAI 1PX G . 11.21 35.32 -1.69
CAH 1PX G . 10.19 36.11 -1.32
CAL 1PX G . 10.19 37.59 -1.41
CAO 1PX G . 11.61 38.10 -1.23
CAR 1PX G . 11.65 39.33 -0.38
CAU 1PX G . 11.41 38.87 1.04
CAX 1PX G . 12.05 39.93 1.88
CBA 1PX G . 11.26 40.11 3.13
CAY 1PX G . 11.93 41.21 3.89
CAV 1PX G . 11.18 42.52 3.73
CAS 1PX G . 11.86 43.46 4.68
K K H . 11.68 32.33 14.45
CAN 1PX I . -17.66 36.69 21.02
CAQ 1PX I . -18.52 36.26 19.88
CAT 1PX I . -18.05 34.88 19.53
CAW 1PX I . -18.58 34.58 18.16
CAZ 1PX I . -18.28 33.17 17.75
CBB 1PX I . -16.86 33.10 17.21
CBC 1PX I . -16.22 31.75 17.45
CBD 1PX I . -17.22 30.61 17.30
CBE 1PX I . -16.75 29.35 18.00
CBF 1PX I . -17.92 28.49 18.43
CBG 1PX I . -17.45 27.20 19.08
CBH 1PX I . -18.65 26.45 19.63
CBI 1PX I . -18.75 25.06 19.05
CBM 1PX I . -18.96 24.09 20.20
OAC 1PX I . -19.93 24.08 20.96
NBK 1PX I . -17.93 23.24 20.29
CBO 1PX I . -17.78 22.18 21.25
CBJ 1PX I . -17.07 21.23 20.26
OBL 1PX I . -18.16 20.64 19.71
PBP 1PX I . -17.77 19.18 18.99
OAF 1PX I . -18.99 19.01 18.03
OAG 1PX I . -16.54 19.71 18.30
OAD 1PX I . -17.81 18.56 20.33
CBN 1PX I . -16.71 22.53 22.30
OAE 1PX I . -16.26 21.40 22.96
CAI 1PX I . -17.16 23.57 23.27
CAH 1PX I . -16.37 24.14 24.17
CAL 1PX I . -16.80 25.19 25.15
CAO 1PX I . -17.91 25.99 24.53
CAR 1PX I . -17.45 27.35 24.12
CAU 1PX I . -18.66 28.05 23.55
CAX 1PX I . -18.26 29.49 23.49
CBA 1PX I . -18.94 30.15 22.34
CAY 1PX I . -18.44 31.57 22.30
CAV 1PX I . -18.80 32.32 23.56
CAS 1PX I . -18.76 33.77 23.14
K K J . -17.75 31.57 8.88
#